data_8QXB
#
_entry.id   8QXB
#
_cell.length_a   1.00
_cell.length_b   1.00
_cell.length_c   1.00
_cell.angle_alpha   90.00
_cell.angle_beta   90.00
_cell.angle_gamma   90.00
#
_symmetry.space_group_name_H-M   'P 1'
#
_entity_poly.entity_id   1
_entity_poly.type   'polypeptide(L)'
_entity_poly.pdbx_seq_one_letter_code
;MSEYIRVTEDENDEPIEIPSEDDGTVLLSTVTAQFPGACGLRYRNPVSQCMRGVRLVEGILHAPDAGWGNLVYVVNYPKD
NKRKMDETDASSAVKVKRAVQKTSDLIVLGLPWKTTEQDLKEYFSTFGEVLMVQVKKDLKTGHSKGFGFVRFTEYETQVK
VMSQRHMIDGRWCDCKLPNSKQSQDEPLRSRKVFVGRCTEDMTEDELREFFSQYGDVMDVFIPKPFRAFAFVTFADDQIA
QSLCGEDLIIKGISVHISNAEPKHNSNRQLERSGRFGGNPGGFGNQGGFGNSRGGGAGLGNNQGSNMGGGMNFGAFSINP
AMMAAAQAALQSSWGMMGMLASQQNQSGPSGNNQNQGNMQREPNQAFGSGNNSYSGSNSGAAIGWGSASNAGSGSGFNGG
FGSSMDSKSSGWGM
;
_entity_poly.pdbx_strand_id   A,B,C,D,E,F,G,H,I,J,K,L,M,N,O,P,Q,R
#
# COMPACT_ATOMS: atom_id res chain seq x y z
N GLY A 304 -28.45 -4.62 -16.82
CA GLY A 304 -27.03 -4.80 -17.19
C GLY A 304 -26.10 -4.40 -16.05
N SER A 305 -25.45 -5.37 -15.40
CA SER A 305 -24.51 -5.12 -14.27
C SER A 305 -23.22 -4.46 -14.78
N ASN A 306 -22.52 -3.67 -13.96
CA ASN A 306 -21.21 -3.06 -14.33
C ASN A 306 -20.27 -3.33 -13.16
N MET A 307 -19.04 -3.79 -13.41
CA MET A 307 -18.03 -4.09 -12.35
C MET A 307 -16.69 -3.50 -12.76
N GLY A 308 -15.85 -3.12 -11.79
CA GLY A 308 -14.52 -2.53 -12.06
C GLY A 308 -13.43 -3.58 -11.97
N GLY A 309 -12.32 -3.41 -12.69
CA GLY A 309 -11.23 -4.39 -12.72
C GLY A 309 -10.41 -4.37 -11.44
N GLY A 310 -9.82 -5.50 -11.05
CA GLY A 310 -9.02 -5.61 -9.82
C GLY A 310 -7.87 -6.56 -9.99
N MET A 311 -6.69 -6.22 -9.47
CA MET A 311 -5.47 -7.08 -9.56
C MET A 311 -5.13 -7.58 -8.15
N ASN A 312 -5.02 -8.90 -7.95
CA ASN A 312 -4.67 -9.47 -6.64
C ASN A 312 -3.31 -10.15 -6.71
N PHE A 313 -2.30 -9.69 -5.96
CA PHE A 313 -0.96 -10.33 -5.91
C PHE A 313 -0.87 -11.24 -4.68
N GLY A 314 -1.84 -11.19 -3.78
CA GLY A 314 -1.86 -11.96 -2.52
C GLY A 314 -2.24 -13.41 -2.67
N ALA A 315 -2.01 -14.23 -1.63
CA ALA A 315 -2.25 -15.69 -1.68
C ALA A 315 -3.63 -16.07 -1.17
N PHE A 316 -4.65 -16.04 -2.02
CA PHE A 316 -6.01 -16.51 -1.67
C PHE A 316 -5.93 -17.96 -1.30
N SER A 317 -6.57 -18.40 -0.22
CA SER A 317 -6.69 -19.82 0.11
C SER A 317 -8.18 -19.96 0.37
N ILE A 318 -8.93 -20.65 -0.47
CA ILE A 318 -10.39 -20.86 -0.28
C ILE A 318 -10.51 -22.34 0.03
N ASN A 319 -11.26 -22.74 1.04
CA ASN A 319 -11.46 -24.17 1.33
C ASN A 319 -12.95 -24.41 1.47
N PRO A 320 -13.79 -24.19 0.43
CA PRO A 320 -15.19 -24.52 0.58
C PRO A 320 -15.28 -26.05 0.53
N ALA A 321 -16.34 -26.64 1.07
CA ALA A 321 -16.62 -28.09 0.94
C ALA A 321 -18.13 -28.12 0.81
N MET A 322 -18.72 -28.87 -0.11
CA MET A 322 -20.20 -28.75 -0.31
C MET A 322 -20.88 -30.11 -0.35
N MET A 323 -22.19 -30.15 -0.15
CA MET A 323 -22.99 -31.40 -0.28
C MET A 323 -24.44 -30.96 -0.47
N ALA A 324 -24.95 -30.90 -1.70
CA ALA A 324 -26.30 -30.36 -1.96
C ALA A 324 -27.25 -31.45 -2.45
N ALA A 325 -28.34 -31.70 -1.74
CA ALA A 325 -29.39 -32.66 -2.17
C ALA A 325 -30.73 -31.97 -2.04
N ALA A 326 -31.42 -31.62 -3.11
CA ALA A 326 -32.69 -30.86 -3.09
C ALA A 326 -33.51 -31.28 -4.30
N GLN A 327 -34.76 -30.84 -4.47
CA GLN A 327 -35.49 -31.22 -5.70
C GLN A 327 -34.64 -30.67 -6.85
N ALA A 328 -34.24 -29.40 -6.84
CA ALA A 328 -33.28 -28.85 -7.83
C ALA A 328 -32.01 -28.55 -7.04
N ALA A 329 -30.84 -28.79 -7.59
CA ALA A 329 -29.56 -28.45 -6.92
C ALA A 329 -28.52 -28.02 -7.94
N LEU A 330 -27.73 -26.98 -7.67
CA LEU A 330 -26.60 -26.57 -8.53
C LEU A 330 -25.44 -26.33 -7.58
N GLN A 331 -24.20 -26.61 -7.99
CA GLN A 331 -23.01 -26.34 -7.16
C GLN A 331 -21.98 -25.72 -8.09
N SER A 332 -21.29 -24.65 -7.68
CA SER A 332 -20.21 -24.02 -8.48
C SER A 332 -19.12 -23.62 -7.50
N SER A 333 -17.86 -23.70 -7.89
CA SER A 333 -16.74 -23.21 -7.06
C SER A 333 -15.78 -22.57 -8.04
N TRP A 334 -15.22 -21.39 -7.81
CA TRP A 334 -14.20 -20.85 -8.74
C TRP A 334 -13.18 -20.00 -8.02
N GLY A 335 -12.08 -19.62 -8.71
CA GLY A 335 -10.97 -18.86 -8.11
C GLY A 335 -10.98 -17.39 -8.48
N MET A 336 -10.03 -16.93 -9.28
CA MET A 336 -9.88 -15.46 -9.53
C MET A 336 -11.09 -14.83 -10.20
N MET A 337 -11.67 -15.41 -11.24
CA MET A 337 -12.77 -14.74 -11.99
C MET A 337 -13.79 -15.78 -12.40
N GLY A 338 -15.02 -15.35 -12.65
CA GLY A 338 -16.09 -16.25 -13.10
C GLY A 338 -17.38 -15.50 -13.32
N MET A 339 -18.31 -16.06 -14.08
CA MET A 339 -19.66 -15.45 -14.33
C MET A 339 -20.72 -16.54 -14.51
N LEU A 340 -21.62 -16.79 -13.55
CA LEU A 340 -22.61 -17.91 -13.63
C LEU A 340 -24.06 -17.41 -13.63
N ALA A 341 -24.83 -17.60 -14.70
CA ALA A 341 -26.26 -17.19 -14.75
C ALA A 341 -27.13 -18.45 -14.71
N SER A 342 -27.65 -18.83 -13.53
CA SER A 342 -28.49 -20.05 -13.37
C SER A 342 -29.91 -19.71 -12.96
N GLN A 343 -30.88 -19.81 -13.87
CA GLN A 343 -32.32 -19.58 -13.56
C GLN A 343 -32.95 -20.97 -13.47
N GLN A 344 -33.51 -21.35 -12.33
CA GLN A 344 -34.15 -22.68 -12.14
C GLN A 344 -35.61 -22.47 -11.76
N ASN A 345 -36.53 -22.75 -12.69
CA ASN A 345 -37.98 -22.57 -12.42
C ASN A 345 -38.58 -23.96 -12.23
N GLN A 346 -39.05 -24.27 -11.02
CA GLN A 346 -39.72 -25.57 -10.74
C GLN A 346 -41.21 -25.30 -10.50
N SER A 347 -42.07 -25.68 -11.43
CA SER A 347 -43.53 -25.47 -11.31
C SER A 347 -44.07 -26.44 -10.26
N GLY A 348 -45.09 -26.04 -9.48
CA GLY A 348 -45.72 -26.93 -8.48
C GLY A 348 -47.01 -27.54 -9.02
N GLY B 304 12.35 -28.06 13.16
CA GLY B 304 11.86 -27.73 11.81
C GLY B 304 11.35 -26.29 11.75
N SER B 305 12.08 -25.40 11.07
CA SER B 305 11.69 -23.97 10.92
C SER B 305 10.48 -23.83 9.99
N ASN B 306 9.65 -22.79 10.15
CA ASN B 306 8.52 -22.52 9.24
C ASN B 306 8.59 -21.03 8.87
N MET B 307 8.46 -20.68 7.60
CA MET B 307 8.53 -19.27 7.11
C MET B 307 7.38 -19.02 6.15
N GLY B 308 6.89 -17.77 6.07
CA GLY B 308 5.77 -17.40 5.18
C GLY B 308 6.28 -16.80 3.89
N GLY B 309 5.53 -16.92 2.79
CA GLY B 309 5.95 -16.42 1.47
C GLY B 309 5.86 -14.91 1.37
N GLY B 310 6.71 -14.27 0.57
CA GLY B 310 6.73 -12.81 0.41
C GLY B 310 7.06 -12.40 -1.00
N MET B 311 6.38 -11.39 -1.55
CA MET B 311 6.64 -10.89 -2.93
C MET B 311 7.23 -9.49 -2.83
N ASN B 312 8.40 -9.24 -3.43
CA ASN B 312 9.03 -7.90 -3.41
C ASN B 312 9.06 -7.31 -4.82
N PHE B 313 8.39 -6.19 -5.09
CA PHE B 313 8.43 -5.51 -6.42
C PHE B 313 9.44 -4.36 -6.38
N GLY B 314 9.99 -4.03 -5.21
CA GLY B 314 10.92 -2.91 -5.01
C GLY B 314 12.34 -3.19 -5.43
N ALA B 315 13.19 -2.16 -5.54
CA ALA B 315 14.58 -2.28 -6.03
C ALA B 315 15.58 -2.47 -4.90
N PHE B 316 15.80 -3.71 -4.44
CA PHE B 316 16.83 -4.02 -3.44
C PHE B 316 18.17 -3.63 -4.01
N SER B 317 19.03 -2.97 -3.25
CA SER B 317 20.42 -2.71 -3.65
C SER B 317 21.21 -3.17 -2.44
N ILE B 318 21.96 -4.26 -2.51
CA ILE B 318 22.77 -4.77 -1.37
C ILE B 318 24.20 -4.53 -1.82
N ASN B 319 25.06 -3.97 -1.00
CA ASN B 319 26.48 -3.78 -1.36
C ASN B 319 27.33 -4.36 -0.24
N PRO B 320 27.28 -5.67 0.09
CA PRO B 320 28.16 -6.18 1.10
C PRO B 320 29.55 -6.25 0.46
N ALA B 321 30.61 -6.25 1.25
CA ALA B 321 31.99 -6.48 0.76
C ALA B 321 32.61 -7.29 1.88
N MET B 322 33.33 -8.38 1.62
CA MET B 322 33.79 -9.24 2.75
C MET B 322 35.27 -9.57 2.65
N MET B 323 35.88 -10.00 3.75
CA MET B 323 37.29 -10.47 3.76
C MET B 323 37.46 -11.32 5.01
N ALA B 324 37.37 -12.64 4.92
CA ALA B 324 37.38 -13.51 6.12
C ALA B 324 38.63 -14.37 6.16
N ALA B 325 39.45 -14.24 7.21
CA ALA B 325 40.64 -15.10 7.42
C ALA B 325 40.60 -15.62 8.84
N ALA B 326 40.35 -16.90 9.09
CA ALA B 326 40.20 -17.48 10.45
C ALA B 326 40.68 -18.93 10.38
N GLN B 327 40.75 -19.67 11.49
CA GLN B 327 41.14 -21.10 11.38
C GLN B 327 40.08 -21.72 10.47
N ALA B 328 38.78 -21.55 10.74
CA ALA B 328 37.70 -21.98 9.81
C ALA B 328 37.08 -20.70 9.28
N ALA B 329 36.70 -20.63 8.01
CA ALA B 329 36.02 -19.45 7.45
C ALA B 329 35.00 -19.88 6.39
N LEU B 330 33.82 -19.28 6.36
CA LEU B 330 32.81 -19.52 5.30
C LEU B 330 32.33 -18.14 4.89
N GLN B 331 31.99 -17.93 3.63
CA GLN B 331 31.43 -16.65 3.15
C GLN B 331 30.26 -16.99 2.23
N SER B 332 29.12 -16.33 2.35
CA SER B 332 27.95 -16.54 1.45
C SER B 332 27.35 -15.18 1.19
N SER B 333 26.83 -14.92 -0.01
CA SER B 333 26.11 -13.68 -0.33
C SER B 333 24.95 -14.11 -1.19
N TRP B 334 23.71 -13.66 -1.01
CA TRP B 334 22.64 -14.02 -1.96
C TRP B 334 21.60 -12.92 -2.07
N GLY B 335 20.69 -13.03 -3.04
CA GLY B 335 19.67 -11.99 -3.33
C GLY B 335 18.29 -12.34 -2.81
N MET B 336 17.33 -12.62 -3.68
CA MET B 336 15.92 -12.79 -3.25
C MET B 336 15.71 -13.96 -2.30
N MET B 337 16.26 -15.14 -2.54
CA MET B 337 15.95 -16.32 -1.69
C MET B 337 17.22 -17.15 -1.53
N GLY B 338 17.29 -17.95 -0.47
CA GLY B 338 18.44 -18.83 -0.23
C GLY B 338 18.24 -19.64 1.03
N MET B 339 18.98 -20.74 1.19
CA MET B 339 18.93 -21.59 2.41
C MET B 339 20.30 -22.23 2.69
N LEU B 340 21.08 -21.80 3.68
CA LEU B 340 22.46 -22.32 3.92
C LEU B 340 22.60 -23.00 5.29
N ALA B 341 22.88 -24.30 5.35
CA ALA B 341 23.08 -25.02 6.63
C ALA B 341 24.56 -25.37 6.78
N SER B 342 25.35 -24.57 7.50
CA SER B 342 26.80 -24.79 7.68
C SER B 342 27.17 -25.10 9.13
N GLN B 343 27.47 -26.35 9.46
CA GLN B 343 27.91 -26.75 10.82
C GLN B 343 29.42 -26.94 10.73
N GLN B 344 30.22 -26.18 11.48
CA GLN B 344 31.69 -26.30 11.46
C GLN B 344 32.18 -26.65 12.86
N ASN B 345 32.63 -27.89 13.07
CA ASN B 345 33.10 -28.34 14.40
C ASN B 345 34.62 -28.44 14.33
N GLN B 346 35.34 -27.57 15.07
CA GLN B 346 36.82 -27.61 15.13
C GLN B 346 37.23 -28.10 16.51
N SER B 347 37.73 -29.32 16.63
CA SER B 347 38.17 -29.90 17.93
C SER B 347 39.46 -29.20 18.35
N GLY B 348 39.68 -28.99 19.66
CA GLY B 348 40.91 -28.40 20.19
C GLY B 348 41.88 -29.45 20.69
N GLY C 304 22.63 17.85 -16.83
CA GLY C 304 22.25 16.42 -16.87
C GLY C 304 21.17 16.09 -15.84
N SER C 305 19.94 15.81 -16.29
CA SER C 305 18.79 15.49 -15.41
C SER C 305 18.97 14.10 -14.80
N ASN C 306 18.42 13.84 -13.61
CA ASN C 306 18.45 12.49 -12.97
C ASN C 306 17.03 12.18 -12.52
N MET C 307 16.51 10.98 -12.78
CA MET C 307 15.13 10.57 -12.41
C MET C 307 15.18 9.17 -11.80
N GLY C 308 14.25 8.86 -10.88
CA GLY C 308 14.20 7.54 -10.21
C GLY C 308 13.20 6.63 -10.89
N GLY C 309 13.39 5.31 -10.81
CA GLY C 309 12.51 4.33 -11.48
C GLY C 309 11.19 4.18 -10.76
N GLY C 310 10.11 3.86 -11.48
CA GLY C 310 8.77 3.70 -10.90
C GLY C 310 7.98 2.60 -11.58
N MET C 311 7.26 1.78 -10.82
CA MET C 311 6.43 0.67 -11.38
C MET C 311 4.96 1.00 -11.16
N ASN C 312 4.14 1.02 -12.22
CA ASN C 312 2.70 1.32 -12.11
C ASN C 312 1.89 0.08 -12.46
N PHE C 313 1.11 -0.50 -11.54
CA PHE C 313 0.21 -1.65 -11.83
C PHE C 313 -1.21 -1.17 -12.09
N GLY C 314 -1.49 0.11 -11.87
CA GLY C 314 -2.84 0.71 -12.01
C GLY C 314 -3.25 1.00 -13.44
N ALA C 315 -4.53 1.28 -13.68
CA ALA C 315 -5.08 1.49 -15.03
C ALA C 315 -5.10 2.97 -15.43
N PHE C 316 -3.99 3.49 -15.96
CA PHE C 316 -3.93 4.87 -16.50
C PHE C 316 -4.94 4.98 -17.62
N SER C 317 -5.73 6.04 -17.66
CA SER C 317 -6.61 6.33 -18.82
C SER C 317 -6.28 7.77 -19.12
N ILE C 318 -5.62 8.07 -20.24
CA ILE C 318 -5.28 9.47 -20.63
C ILE C 318 -6.15 9.74 -21.83
N ASN C 319 -6.84 10.86 -21.91
CA ASN C 319 -7.66 11.20 -23.09
C ASN C 319 -7.26 12.60 -23.54
N PRO C 320 -6.01 12.87 -23.96
CA PRO C 320 -5.72 14.19 -24.46
C PRO C 320 -6.35 14.28 -25.85
N ALA C 321 -6.61 15.48 -26.35
CA ALA C 321 -7.08 15.68 -27.75
C ALA C 321 -6.37 16.97 -28.13
N MET C 322 -5.75 17.10 -29.30
CA MET C 322 -4.96 18.32 -29.57
C MET C 322 -5.28 18.94 -30.92
N MET C 323 -4.91 20.20 -31.14
CA MET C 323 -5.07 20.87 -32.45
C MET C 323 -4.14 22.07 -32.43
N ALA C 324 -2.93 21.97 -33.00
CA ALA C 324 -1.92 23.05 -32.90
C ALA C 324 -1.66 23.69 -34.26
N ALA C 325 -1.90 24.99 -34.40
CA ALA C 325 -1.58 25.74 -35.63
C ALA C 325 -0.82 26.99 -35.24
N ALA C 326 0.48 27.12 -35.51
CA ALA C 326 1.33 28.25 -35.08
C ALA C 326 2.42 28.44 -36.14
N GLN C 327 3.26 29.47 -36.06
CA GLN C 327 4.35 29.57 -37.07
C GLN C 327 5.16 28.29 -36.90
N ALA C 328 5.59 27.92 -35.69
CA ALA C 328 6.23 26.60 -35.43
C ALA C 328 5.24 25.82 -34.58
N ALA C 329 5.08 24.52 -34.78
CA ALA C 329 4.20 23.68 -33.95
C ALA C 329 4.77 22.28 -33.79
N LEU C 330 4.72 21.70 -32.61
CA LEU C 330 5.13 20.29 -32.37
C LEU C 330 4.02 19.68 -31.53
N GLN C 331 3.71 18.40 -31.71
CA GLN C 331 2.70 17.70 -30.89
C GLN C 331 3.31 16.35 -30.52
N SER C 332 3.20 15.91 -29.27
CA SER C 332 3.69 14.57 -28.83
C SER C 332 2.66 14.03 -27.85
N SER C 333 2.41 12.74 -27.83
CA SER C 333 1.53 12.10 -26.83
C SER C 333 2.21 10.80 -26.49
N TRP C 334 2.34 10.38 -25.24
CA TRP C 334 2.93 9.04 -24.95
C TRP C 334 2.33 8.44 -23.69
N GLY C 335 2.61 7.15 -23.43
CA GLY C 335 2.04 6.42 -22.28
C GLY C 335 3.02 6.24 -21.14
N MET C 336 3.48 5.01 -20.87
CA MET C 336 4.29 4.75 -19.66
C MET C 336 5.61 5.51 -19.63
N MET C 337 6.40 5.57 -20.69
CA MET C 337 7.74 6.20 -20.63
C MET C 337 7.99 6.94 -21.93
N GLY C 338 8.89 7.93 -21.90
CA GLY C 338 9.26 8.69 -23.10
C GLY C 338 10.30 9.73 -22.78
N MET C 339 11.02 10.22 -23.79
CA MET C 339 12.05 11.30 -23.62
C MET C 339 12.12 12.18 -24.86
N LEU C 340 11.60 13.42 -24.86
CA LEU C 340 11.55 14.28 -26.08
C LEU C 340 12.37 15.57 -25.92
N ALA C 341 13.44 15.78 -26.70
CA ALA C 341 14.24 17.02 -26.64
C ALA C 341 13.99 17.84 -27.91
N SER C 342 13.10 18.83 -27.85
CA SER C 342 12.74 19.68 -29.03
C SER C 342 13.16 21.14 -28.84
N GLN C 343 14.22 21.58 -29.50
CA GLN C 343 14.66 23.00 -29.46
C GLN C 343 14.20 23.63 -30.77
N GLN C 344 13.35 24.64 -30.73
CA GLN C 344 12.85 25.32 -31.96
C GLN C 344 13.24 26.79 -31.90
N ASN C 345 14.21 27.20 -32.72
CA ASN C 345 14.68 28.62 -32.74
C ASN C 345 14.13 29.26 -34.01
N GLN C 346 13.22 30.23 -33.87
CA GLN C 346 12.67 30.98 -35.03
C GLN C 346 13.21 32.40 -34.98
N SER C 347 14.11 32.75 -35.88
CA SER C 347 14.71 34.11 -35.94
C SER C 347 13.65 35.08 -36.46
N GLY C 348 13.63 36.34 -35.98
CA GLY C 348 12.69 37.37 -36.46
C GLY C 348 13.35 38.28 -37.49
N GLY D 304 -29.49 -1.31 -13.47
CA GLY D 304 -28.08 -1.52 -13.81
C GLY D 304 -27.16 -1.14 -12.67
N SER D 305 -26.52 -2.12 -12.01
CA SER D 305 -25.60 -1.88 -10.87
C SER D 305 -24.29 -1.26 -11.36
N ASN D 306 -23.60 -0.47 -10.54
CA ASN D 306 -22.27 0.10 -10.88
C ASN D 306 -21.34 -0.18 -9.69
N MET D 307 -20.12 -0.66 -9.93
CA MET D 307 -19.14 -1.00 -8.87
C MET D 307 -17.77 -0.42 -9.25
N GLY D 308 -16.94 -0.06 -8.27
CA GLY D 308 -15.60 0.51 -8.52
C GLY D 308 -14.53 -0.57 -8.42
N GLY D 309 -13.41 -0.41 -9.12
CA GLY D 309 -12.32 -1.41 -9.15
C GLY D 309 -11.53 -1.41 -7.86
N GLY D 310 -10.97 -2.55 -7.47
CA GLY D 310 -10.19 -2.68 -6.23
C GLY D 310 -9.05 -3.65 -6.39
N MET D 311 -7.87 -3.34 -5.85
CA MET D 311 -6.66 -4.22 -5.92
C MET D 311 -6.34 -4.73 -4.52
N ASN D 312 -6.27 -6.05 -4.33
CA ASN D 312 -5.95 -6.64 -3.01
C ASN D 312 -4.59 -7.34 -3.07
N PHE D 313 -3.58 -6.90 -2.31
CA PHE D 313 -2.25 -7.57 -2.24
C PHE D 313 -2.20 -8.48 -1.01
N GLY D 314 -3.19 -8.42 -0.12
CA GLY D 314 -3.24 -9.20 1.13
C GLY D 314 -3.63 -10.65 0.97
N ALA D 315 -3.44 -11.47 2.00
CA ALA D 315 -3.69 -12.93 1.95
C ALA D 315 -5.10 -13.29 2.44
N PHE D 316 -6.10 -13.23 1.58
CA PHE D 316 -7.47 -13.67 1.91
C PHE D 316 -7.42 -15.14 2.26
N SER D 317 -8.08 -15.56 3.33
CA SER D 317 -8.24 -16.99 3.65
C SER D 317 -9.72 -17.10 3.89
N ILE D 318 -10.49 -17.77 3.04
CA ILE D 318 -11.95 -17.96 3.20
C ILE D 318 -12.10 -19.44 3.50
N ASN D 319 -12.86 -19.82 4.51
CA ASN D 319 -13.10 -21.26 4.80
C ASN D 319 -14.60 -21.47 4.91
N PRO D 320 -15.42 -21.23 3.86
CA PRO D 320 -16.82 -21.54 3.98
C PRO D 320 -16.94 -23.06 3.93
N ALA D 321 -18.01 -23.64 4.45
CA ALA D 321 -18.31 -25.07 4.31
C ALA D 321 -19.83 -25.09 4.15
N MET D 322 -20.42 -25.81 3.22
CA MET D 322 -21.88 -25.67 3.00
C MET D 322 -22.59 -27.01 2.94
N MET D 323 -23.92 -27.03 3.13
CA MET D 323 -24.72 -28.27 2.98
C MET D 323 -26.17 -27.81 2.78
N ALA D 324 -26.66 -27.73 1.55
CA ALA D 324 -28.00 -27.17 1.27
C ALA D 324 -28.96 -28.24 0.76
N ALA D 325 -30.06 -28.48 1.46
CA ALA D 325 -31.12 -29.41 1.01
C ALA D 325 -32.46 -28.69 1.13
N ALA D 326 -33.13 -28.33 0.04
CA ALA D 326 -34.38 -27.54 0.05
C ALA D 326 -35.20 -27.95 -1.17
N GLN D 327 -36.43 -27.48 -1.35
CA GLN D 327 -37.15 -27.84 -2.60
C GLN D 327 -36.28 -27.31 -3.73
N ALA D 328 -35.86 -26.04 -3.71
CA ALA D 328 -34.88 -25.50 -4.68
C ALA D 328 -33.61 -25.22 -3.88
N ALA D 329 -32.43 -25.48 -4.41
CA ALA D 329 -31.16 -25.17 -3.72
C ALA D 329 -30.10 -24.76 -4.73
N LEU D 330 -29.30 -23.73 -4.44
CA LEU D 330 -28.14 -23.33 -5.28
C LEU D 330 -27.00 -23.13 -4.31
N GLN D 331 -25.76 -23.42 -4.71
CA GLN D 331 -24.57 -23.18 -3.87
C GLN D 331 -23.52 -22.56 -4.78
N SER D 332 -22.82 -21.51 -4.35
CA SER D 332 -21.72 -20.90 -5.14
C SER D 332 -20.63 -20.53 -4.14
N SER D 333 -19.36 -20.62 -4.51
CA SER D 333 -18.24 -20.15 -3.66
C SER D 333 -17.27 -19.53 -4.64
N TRP D 334 -16.68 -18.37 -4.38
CA TRP D 334 -15.65 -17.84 -5.31
C TRP D 334 -14.61 -17.00 -4.56
N GLY D 335 -13.51 -16.64 -5.23
CA GLY D 335 -12.40 -15.90 -4.61
C GLY D 335 -12.37 -14.43 -4.98
N MET D 336 -11.40 -13.98 -5.77
CA MET D 336 -11.23 -12.52 -5.99
C MET D 336 -12.41 -11.86 -6.68
N MET D 337 -12.99 -12.43 -7.74
CA MET D 337 -14.06 -11.73 -8.50
C MET D 337 -15.10 -12.75 -8.92
N GLY D 338 -16.33 -12.30 -9.19
CA GLY D 338 -17.40 -13.18 -9.66
C GLY D 338 -18.67 -12.40 -9.89
N MET D 339 -19.60 -12.95 -10.67
CA MET D 339 -20.93 -12.31 -10.93
C MET D 339 -22.01 -13.38 -11.13
N LEU D 340 -22.93 -13.62 -10.17
CA LEU D 340 -23.93 -14.71 -10.29
C LEU D 340 -25.38 -14.19 -10.29
N ALA D 341 -26.13 -14.36 -11.37
CA ALA D 341 -27.55 -13.93 -11.44
C ALA D 341 -28.45 -15.17 -11.42
N SER D 342 -28.99 -15.54 -10.25
CA SER D 342 -29.86 -16.75 -10.11
C SER D 342 -31.28 -16.39 -9.70
N GLN D 343 -32.24 -16.47 -10.64
CA GLN D 343 -33.67 -16.22 -10.35
C GLN D 343 -34.33 -17.60 -10.27
N GLN D 344 -34.91 -17.96 -9.13
CA GLN D 344 -35.57 -19.28 -8.98
C GLN D 344 -37.03 -19.06 -8.61
N ASN D 345 -37.95 -19.31 -9.53
CA ASN D 345 -39.41 -19.11 -9.30
C ASN D 345 -40.03 -20.48 -9.12
N GLN D 346 -40.53 -20.80 -7.92
CA GLN D 346 -41.21 -22.08 -7.66
C GLN D 346 -42.70 -21.80 -7.43
N SER D 347 -43.56 -22.15 -8.38
CA SER D 347 -45.02 -21.91 -8.27
C SER D 347 -45.59 -22.87 -7.23
N GLY D 348 -46.60 -22.47 -6.46
CA GLY D 348 -47.28 -23.34 -5.47
C GLY D 348 -48.56 -23.93 -6.03
N GLY E 304 10.49 -25.65 16.91
CA GLY E 304 10.03 -25.28 15.55
C GLY E 304 9.54 -23.85 15.48
N SER E 305 10.28 -22.96 14.81
CA SER E 305 9.92 -21.52 14.68
C SER E 305 8.74 -21.35 13.72
N ASN E 306 7.93 -20.31 13.88
CA ASN E 306 6.80 -20.00 12.96
C ASN E 306 6.90 -18.52 12.60
N MET E 307 6.80 -18.15 11.32
CA MET E 307 6.91 -16.75 10.85
C MET E 307 5.76 -16.46 9.88
N GLY E 308 5.29 -15.21 9.79
CA GLY E 308 4.20 -14.82 8.89
C GLY E 308 4.74 -14.22 7.61
N GLY E 309 4.01 -14.32 6.50
CA GLY E 309 4.45 -13.81 5.18
C GLY E 309 4.38 -12.31 5.10
N GLY E 310 5.26 -11.68 4.31
CA GLY E 310 5.29 -10.22 4.17
C GLY E 310 5.67 -9.80 2.76
N MET E 311 5.01 -8.78 2.20
CA MET E 311 5.30 -8.28 0.83
C MET E 311 5.90 -6.89 0.94
N ASN E 312 7.08 -6.66 0.36
CA ASN E 312 7.74 -5.33 0.40
C ASN E 312 7.79 -4.74 -1.01
N PHE E 313 7.15 -3.60 -1.28
CA PHE E 313 7.22 -2.91 -2.60
C PHE E 313 8.26 -1.79 -2.54
N GLY E 314 8.78 -1.47 -1.35
CA GLY E 314 9.75 -0.37 -1.14
C GLY E 314 11.16 -0.68 -1.55
N ALA E 315 12.03 0.34 -1.64
CA ALA E 315 13.42 0.21 -2.12
C ALA E 315 14.40 -0.01 -0.97
N PHE E 316 14.59 -1.25 -0.51
CA PHE E 316 15.61 -1.58 0.50
C PHE E 316 16.97 -1.22 -0.06
N SER E 317 17.82 -0.58 0.72
CA SER E 317 19.23 -0.34 0.33
C SER E 317 19.98 -0.82 1.56
N ILE E 318 20.71 -1.92 1.49
CA ILE E 318 21.50 -2.46 2.63
C ILE E 318 22.94 -2.24 2.20
N ASN E 319 23.80 -1.70 3.05
CA ASN E 319 25.23 -1.53 2.71
C ASN E 319 26.06 -2.12 3.83
N PRO E 320 25.97 -3.43 4.15
CA PRO E 320 26.84 -3.98 5.16
C PRO E 320 28.23 -4.06 4.55
N ALA E 321 29.29 -4.09 5.35
CA ALA E 321 30.67 -4.33 4.88
C ALA E 321 31.26 -5.18 6.00
N MET E 322 31.96 -6.27 5.75
CA MET E 322 32.39 -7.14 6.86
C MET E 322 33.86 -7.50 6.79
N MET E 323 34.45 -7.95 7.90
CA MET E 323 35.86 -8.44 7.92
C MET E 323 35.99 -9.30 9.17
N ALA E 324 35.88 -10.62 9.07
CA ALA E 324 35.86 -11.50 10.26
C ALA E 324 37.11 -12.38 10.31
N ALA E 325 37.91 -12.28 11.38
CA ALA E 325 39.08 -13.15 11.59
C ALA E 325 39.01 -13.67 13.02
N ALA E 326 38.73 -14.96 13.25
CA ALA E 326 38.55 -15.54 14.60
C ALA E 326 39.00 -17.00 14.53
N GLN E 327 39.05 -17.75 15.64
CA GLN E 327 39.42 -19.18 15.52
C GLN E 327 38.36 -19.78 14.60
N ALA E 328 37.07 -19.59 14.85
CA ALA E 328 35.98 -20.00 13.91
C ALA E 328 35.39 -18.71 13.38
N ALA E 329 35.03 -18.62 12.11
CA ALA E 329 34.37 -17.42 11.54
C ALA E 329 33.37 -17.82 10.47
N LEU E 330 32.19 -17.21 10.42
CA LEU E 330 31.20 -17.42 9.34
C LEU E 330 30.74 -16.04 8.95
N GLN E 331 30.42 -15.81 7.67
CA GLN E 331 29.89 -14.51 7.20
C GLN E 331 28.73 -14.84 6.26
N SER E 332 27.59 -14.15 6.37
CA SER E 332 26.45 -14.34 5.46
C SER E 332 25.87 -12.96 5.19
N SER E 333 25.37 -12.69 3.99
CA SER E 333 24.67 -11.42 3.68
C SER E 333 23.52 -11.84 2.79
N TRP E 334 22.29 -11.36 2.96
CA TRP E 334 21.22 -11.71 2.00
C TRP E 334 20.20 -10.58 1.88
N GLY E 335 19.30 -10.66 0.90
CA GLY E 335 18.30 -9.61 0.61
C GLY E 335 16.92 -9.94 1.10
N MET E 336 15.95 -10.20 0.21
CA MET E 336 14.53 -10.34 0.63
C MET E 336 14.30 -11.51 1.57
N MET E 337 14.83 -12.70 1.32
CA MET E 337 14.49 -13.88 2.16
C MET E 337 15.74 -14.73 2.34
N GLY E 338 15.78 -15.54 3.39
CA GLY E 338 16.91 -16.45 3.64
C GLY E 338 16.69 -17.25 4.89
N MET E 339 17.40 -18.37 5.05
CA MET E 339 17.32 -19.23 6.27
C MET E 339 18.67 -19.90 6.56
N LEU E 340 19.44 -19.47 7.57
CA LEU E 340 20.82 -20.03 7.82
C LEU E 340 20.93 -20.71 9.18
N ALA E 341 21.18 -22.01 9.25
CA ALA E 341 21.36 -22.75 10.53
C ALA E 341 22.82 -23.13 10.68
N SER E 342 23.61 -22.34 11.43
CA SER E 342 25.06 -22.60 11.63
C SER E 342 25.40 -22.91 13.08
N GLN E 343 25.68 -24.18 13.40
CA GLN E 343 26.10 -24.59 14.77
C GLN E 343 27.60 -24.82 14.69
N GLN E 344 28.40 -24.07 15.46
CA GLN E 344 29.88 -24.22 15.45
C GLN E 344 30.34 -24.58 16.86
N ASN E 345 30.76 -25.82 17.08
CA ASN E 345 31.21 -26.29 18.40
C ASN E 345 32.73 -26.41 18.36
N GLN E 346 33.46 -25.57 19.10
CA GLN E 346 34.93 -25.64 19.18
C GLN E 346 35.32 -26.14 20.57
N SER E 347 35.80 -27.36 20.68
CA SER E 347 36.19 -27.96 21.99
C SER E 347 37.50 -27.29 22.44
N GLY E 348 37.70 -27.09 23.75
CA GLY E 348 38.95 -26.51 24.29
C GLY E 348 39.88 -27.59 24.80
N GLY F 304 21.96 20.24 -12.69
CA GLY F 304 21.56 18.82 -12.74
C GLY F 304 20.47 18.51 -11.74
N SER F 305 19.23 18.26 -12.20
CA SER F 305 18.07 17.95 -11.33
C SER F 305 18.22 16.55 -10.73
N ASN F 306 17.64 16.29 -9.55
CA ASN F 306 17.65 14.94 -8.92
C ASN F 306 16.21 14.66 -8.48
N MET F 307 15.67 13.47 -8.77
CA MET F 307 14.28 13.08 -8.42
C MET F 307 14.30 11.68 -7.80
N GLY F 308 13.36 11.37 -6.90
CA GLY F 308 13.27 10.06 -6.25
C GLY F 308 12.26 9.16 -6.94
N GLY F 309 12.43 7.84 -6.87
CA GLY F 309 11.55 6.87 -7.55
C GLY F 309 10.20 6.75 -6.86
N GLY F 310 9.14 6.45 -7.59
CA GLY F 310 7.78 6.32 -7.02
C GLY F 310 6.99 5.24 -7.72
N MET F 311 6.23 4.43 -6.98
CA MET F 311 5.40 3.34 -7.56
C MET F 311 3.93 3.70 -7.35
N ASN F 312 3.13 3.73 -8.42
CA ASN F 312 1.69 4.05 -8.32
C ASN F 312 0.85 2.82 -8.70
N PHE F 313 0.06 2.25 -7.78
CA PHE F 313 -0.85 1.12 -8.09
C PHE F 313 -2.27 1.63 -8.37
N GLY F 314 -2.53 2.92 -8.14
CA GLY F 314 -3.86 3.54 -8.31
C GLY F 314 -4.24 3.84 -9.73
N ALA F 315 -5.52 4.15 -9.99
CA ALA F 315 -6.05 4.37 -11.34
C ALA F 315 -6.04 5.85 -11.74
N PHE F 316 -4.92 6.36 -12.25
CA PHE F 316 -4.83 7.74 -12.77
C PHE F 316 -5.82 7.88 -13.91
N SER F 317 -6.58 8.95 -13.96
CA SER F 317 -7.44 9.26 -15.12
C SER F 317 -7.08 10.70 -15.41
N ILE F 318 -6.41 11.00 -16.52
CA ILE F 318 -6.03 12.38 -16.90
C ILE F 318 -6.89 12.68 -18.11
N ASN F 319 -7.55 13.82 -18.18
CA ASN F 319 -8.35 14.17 -19.37
C ASN F 319 -7.93 15.57 -19.81
N PRO F 320 -6.66 15.83 -20.21
CA PRO F 320 -6.34 17.14 -20.71
C PRO F 320 -6.95 17.25 -22.10
N ALA F 321 -7.19 18.44 -22.60
CA ALA F 321 -7.63 18.68 -24.00
C ALA F 321 -6.90 19.95 -24.37
N MET F 322 -6.26 20.07 -25.52
CA MET F 322 -5.44 21.28 -25.79
C MET F 322 -5.72 21.90 -27.13
N MET F 323 -5.34 23.17 -27.33
CA MET F 323 -5.48 23.84 -28.65
C MET F 323 -4.52 25.03 -28.62
N ALA F 324 -3.30 24.91 -29.17
CA ALA F 324 -2.28 25.97 -29.05
C ALA F 324 -1.99 26.61 -30.40
N ALA F 325 -2.20 27.92 -30.53
CA ALA F 325 -1.85 28.67 -31.76
C ALA F 325 -1.08 29.92 -31.34
N ALA F 326 0.22 30.01 -31.61
CA ALA F 326 1.09 31.12 -31.16
C ALA F 326 2.20 31.30 -32.20
N GLN F 327 3.06 32.32 -32.11
CA GLN F 327 4.16 32.40 -33.09
C GLN F 327 4.95 31.10 -32.92
N ALA F 328 5.35 30.71 -31.71
CA ALA F 328 5.97 29.39 -31.45
C ALA F 328 4.95 28.63 -30.62
N ALA F 329 4.77 27.33 -30.83
CA ALA F 329 3.86 26.50 -30.01
C ALA F 329 4.41 25.09 -29.86
N LEU F 330 4.33 24.49 -28.68
CA LEU F 330 4.72 23.09 -28.45
C LEU F 330 3.59 22.49 -27.63
N GLN F 331 3.26 21.21 -27.81
CA GLN F 331 2.22 20.53 -27.01
C GLN F 331 2.80 19.16 -26.64
N SER F 332 2.67 18.72 -25.39
CA SER F 332 3.12 17.38 -24.96
C SER F 332 2.07 16.85 -23.99
N SER F 333 1.80 15.55 -23.99
CA SER F 333 0.90 14.93 -22.99
C SER F 333 1.56 13.61 -22.65
N TRP F 334 1.67 13.18 -21.40
CA TRP F 334 2.21 11.84 -21.12
C TRP F 334 1.60 11.24 -19.87
N GLY F 335 1.84 9.95 -19.60
CA GLY F 335 1.25 9.22 -18.47
C GLY F 335 2.21 9.01 -17.32
N MET F 336 2.65 7.78 -17.06
CA MET F 336 3.43 7.50 -15.83
C MET F 336 4.77 8.24 -15.77
N MET F 337 5.57 8.28 -16.83
CA MET F 337 6.92 8.88 -16.75
C MET F 337 7.20 9.64 -18.04
N GLY F 338 8.12 10.59 -17.99
CA GLY F 338 8.52 11.36 -19.19
C GLY F 338 9.58 12.38 -18.85
N MET F 339 10.32 12.86 -19.84
CA MET F 339 11.36 13.92 -19.65
C MET F 339 11.46 14.81 -20.90
N LEU F 340 10.97 16.07 -20.89
CA LEU F 340 10.96 16.93 -22.10
C LEU F 340 11.79 18.21 -21.93
N ALA F 341 12.87 18.40 -22.69
CA ALA F 341 13.70 19.62 -22.62
C ALA F 341 13.47 20.45 -23.88
N SER F 342 12.59 21.47 -23.83
CA SER F 342 12.27 22.32 -25.01
C SER F 342 12.70 23.78 -24.80
N GLN F 343 13.79 24.21 -25.45
CA GLN F 343 14.25 25.61 -25.40
C GLN F 343 13.83 26.25 -26.71
N GLN F 344 12.99 27.29 -26.67
CA GLN F 344 12.53 27.97 -27.90
C GLN F 344 12.93 29.44 -27.83
N ASN F 345 13.91 29.85 -28.63
CA ASN F 345 14.42 31.24 -28.64
C ASN F 345 13.89 31.91 -29.91
N GLN F 346 13.00 32.90 -29.78
CA GLN F 346 12.47 33.65 -30.94
C GLN F 346 13.04 35.06 -30.88
N SER F 347 13.96 35.41 -31.77
CA SER F 347 14.59 36.76 -31.80
C SER F 347 13.55 37.76 -32.33
N GLY F 348 13.54 39.00 -31.84
CA GLY F 348 12.63 40.06 -32.33
C GLY F 348 13.32 40.96 -33.35
N GLY G 304 -30.53 2.01 -10.11
CA GLY G 304 -29.11 1.77 -10.44
C GLY G 304 -28.20 2.12 -9.28
N SER G 305 -27.59 1.14 -8.62
CA SER G 305 -26.68 1.35 -7.47
C SER G 305 -25.35 1.95 -7.94
N ASN G 306 -24.66 2.71 -7.10
CA ASN G 306 -23.31 3.26 -7.42
C ASN G 306 -22.41 2.97 -6.23
N MET G 307 -21.19 2.46 -6.45
CA MET G 307 -20.22 2.11 -5.37
C MET G 307 -18.85 2.66 -5.74
N GLY G 308 -18.03 3.00 -4.75
CA GLY G 308 -16.67 3.55 -4.97
C GLY G 308 -15.62 2.45 -4.87
N GLY G 309 -14.48 2.59 -5.56
CA GLY G 309 -13.42 1.57 -5.58
C GLY G 309 -12.63 1.55 -4.28
N GLY G 310 -12.10 0.39 -3.88
CA GLY G 310 -11.35 0.25 -2.63
C GLY G 310 -10.22 -0.74 -2.78
N MET G 311 -9.03 -0.46 -2.23
CA MET G 311 -7.86 -1.35 -2.29
C MET G 311 -7.56 -1.88 -0.89
N ASN G 312 -7.50 -3.20 -0.71
CA ASN G 312 -7.21 -3.80 0.62
C ASN G 312 -5.87 -4.52 0.57
N PHE G 313 -4.86 -4.11 1.36
CA PHE G 313 -3.56 -4.80 1.43
C PHE G 313 -3.52 -5.73 2.65
N GLY G 314 -4.53 -5.66 3.53
CA GLY G 314 -4.60 -6.43 4.78
C GLY G 314 -5.02 -7.87 4.59
N ALA G 315 -4.86 -8.71 5.63
CA ALA G 315 -5.14 -10.16 5.56
C ALA G 315 -6.56 -10.50 6.03
N PHE G 316 -7.55 -10.41 5.16
CA PHE G 316 -8.93 -10.83 5.47
C PHE G 316 -8.91 -12.30 5.83
N SER G 317 -9.59 -12.72 6.88
CA SER G 317 -9.78 -14.15 7.18
C SER G 317 -11.26 -14.24 7.41
N ILE G 318 -12.03 -14.89 6.54
CA ILE G 318 -13.50 -15.04 6.69
C ILE G 318 -13.68 -16.52 6.97
N ASN G 319 -14.46 -16.90 7.97
CA ASN G 319 -14.72 -18.33 8.24
C ASN G 319 -16.23 -18.52 8.34
N PRO G 320 -17.04 -18.26 7.28
CA PRO G 320 -18.44 -18.55 7.39
C PRO G 320 -18.59 -20.07 7.32
N ALA G 321 -19.67 -20.63 7.82
CA ALA G 321 -20.00 -22.06 7.67
C ALA G 321 -21.50 -22.04 7.50
N MET G 322 -22.11 -22.75 6.55
CA MET G 322 -23.57 -22.59 6.31
C MET G 322 -24.30 -23.91 6.25
N MET G 323 -25.62 -23.90 6.41
CA MET G 323 -26.45 -25.13 6.25
C MET G 323 -27.88 -24.64 6.03
N ALA G 324 -28.36 -24.55 4.78
CA ALA G 324 -29.68 -23.95 4.49
C ALA G 324 -30.65 -25.01 3.97
N ALA G 325 -31.78 -25.23 4.65
CA ALA G 325 -32.84 -26.14 4.18
C ALA G 325 -34.17 -25.40 4.29
N ALA G 326 -34.81 -25.01 3.20
CA ALA G 326 -36.06 -24.21 3.19
C ALA G 326 -36.86 -24.60 1.96
N GLN G 327 -38.09 -24.11 1.76
CA GLN G 327 -38.80 -24.45 0.51
C GLN G 327 -37.91 -23.92 -0.60
N ALA G 328 -37.46 -22.67 -0.58
CA ALA G 328 -36.45 -22.14 -1.54
C ALA G 328 -35.20 -21.89 -0.72
N ALA G 329 -34.01 -22.16 -1.23
CA ALA G 329 -32.75 -21.87 -0.52
C ALA G 329 -31.66 -21.48 -1.52
N LEU G 330 -30.85 -20.47 -1.20
CA LEU G 330 -29.68 -20.09 -2.03
C LEU G 330 -28.54 -19.91 -1.05
N GLN G 331 -27.31 -20.22 -1.44
CA GLN G 331 -26.12 -20.00 -0.58
C GLN G 331 -25.03 -19.40 -1.47
N SER G 332 -24.33 -18.37 -1.03
CA SER G 332 -23.21 -17.77 -1.78
C SER G 332 -22.13 -17.42 -0.79
N SER G 333 -20.85 -17.54 -1.14
CA SER G 333 -19.74 -17.10 -0.27
C SER G 333 -18.74 -16.48 -1.23
N TRP G 334 -18.14 -15.32 -0.96
CA TRP G 334 -17.08 -14.81 -1.86
C TRP G 334 -16.05 -14.00 -1.11
N GLY G 335 -14.94 -13.65 -1.76
CA GLY G 335 -13.81 -12.94 -1.13
C GLY G 335 -13.75 -11.47 -1.48
N MET G 336 -12.76 -11.03 -2.25
CA MET G 336 -12.56 -9.57 -2.47
C MET G 336 -13.73 -8.89 -3.17
N MET G 337 -14.29 -9.44 -4.24
CA MET G 337 -15.35 -8.72 -5.00
C MET G 337 -16.39 -9.72 -5.45
N GLY G 338 -17.61 -9.24 -5.72
CA GLY G 338 -18.69 -10.11 -6.22
C GLY G 338 -19.95 -9.30 -6.46
N MET G 339 -20.88 -9.82 -7.25
CA MET G 339 -22.20 -9.16 -7.52
C MET G 339 -23.30 -10.21 -7.75
N LEU G 340 -24.23 -10.44 -6.81
CA LEU G 340 -25.25 -11.52 -6.94
C LEU G 340 -26.69 -10.96 -6.96
N ALA G 341 -27.43 -11.12 -8.05
CA ALA G 341 -28.83 -10.66 -8.14
C ALA G 341 -29.77 -11.88 -8.13
N SER G 342 -30.32 -12.26 -6.97
CA SER G 342 -31.21 -13.44 -6.85
C SER G 342 -32.63 -13.06 -6.46
N GLN G 343 -33.58 -13.12 -7.40
CA GLN G 343 -35.01 -12.85 -7.13
C GLN G 343 -35.69 -14.21 -7.07
N GLN G 344 -36.29 -14.57 -5.94
CA GLN G 344 -36.98 -15.88 -5.80
C GLN G 344 -38.44 -15.64 -5.45
N ASN G 345 -39.36 -15.86 -6.39
CA ASN G 345 -40.80 -15.64 -6.18
C ASN G 345 -41.46 -17.01 -6.01
N GLN G 346 -41.97 -17.32 -4.82
CA GLN G 346 -42.70 -18.60 -4.57
C GLN G 346 -44.17 -18.27 -4.36
N SER G 347 -45.03 -18.62 -5.33
CA SER G 347 -46.48 -18.35 -5.23
C SER G 347 -47.08 -19.30 -4.21
N GLY G 348 -48.10 -18.89 -3.45
CA GLY G 348 -48.80 -19.75 -2.48
C GLY G 348 -50.09 -20.32 -3.05
N GLY H 304 8.61 -23.20 20.63
CA GLY H 304 8.18 -22.84 19.27
C GLY H 304 7.72 -21.39 19.20
N SER H 305 8.48 -20.50 18.56
CA SER H 305 8.16 -19.06 18.42
C SER H 305 6.99 -18.88 17.45
N ASN H 306 6.19 -17.82 17.61
CA ASN H 306 5.09 -17.48 16.67
C ASN H 306 5.22 -16.00 16.32
N MET H 307 5.14 -15.62 15.04
CA MET H 307 5.27 -14.21 14.58
C MET H 307 4.14 -13.91 13.60
N GLY H 308 3.70 -12.65 13.51
CA GLY H 308 2.62 -12.23 12.61
C GLY H 308 3.20 -11.63 11.33
N GLY H 309 2.47 -11.71 10.21
CA GLY H 309 2.94 -11.22 8.90
C GLY H 309 2.91 -9.70 8.83
N GLY H 310 3.80 -9.09 8.05
CA GLY H 310 3.87 -7.62 7.92
C GLY H 310 4.26 -7.21 6.52
N MET H 311 3.64 -6.17 5.96
CA MET H 311 3.94 -5.66 4.60
C MET H 311 4.57 -4.28 4.72
N ASN H 312 5.77 -4.07 4.15
CA ASN H 312 6.45 -2.76 4.21
C ASN H 312 6.54 -2.16 2.81
N PHE H 313 5.91 -1.00 2.54
CA PHE H 313 6.01 -0.32 1.23
C PHE H 313 7.07 0.79 1.30
N GLY H 314 7.58 1.09 2.49
CA GLY H 314 8.55 2.18 2.73
C GLY H 314 9.98 1.85 2.33
N ALA H 315 10.85 2.85 2.26
CA ALA H 315 12.25 2.69 1.79
C ALA H 315 13.22 2.45 2.95
N PHE H 316 13.38 1.21 3.40
CA PHE H 316 14.38 0.84 4.43
C PHE H 316 15.75 1.19 3.90
N SER H 317 16.60 1.81 4.69
CA SER H 317 18.02 2.02 4.32
C SER H 317 18.75 1.53 5.55
N ILE H 318 19.47 0.41 5.49
CA ILE H 318 20.22 -0.14 6.64
C ILE H 318 21.68 0.05 6.22
N ASN H 319 22.53 0.57 7.09
CA ASN H 319 23.97 0.72 6.76
C ASN H 319 24.77 0.10 7.90
N PRO H 320 24.65 -1.21 8.20
CA PRO H 320 25.51 -1.77 9.23
C PRO H 320 26.90 -1.87 8.63
N ALA H 321 27.94 -1.93 9.44
CA ALA H 321 29.32 -2.19 8.98
C ALA H 321 29.89 -3.06 10.11
N MET H 322 30.57 -4.15 9.86
CA MET H 322 30.97 -5.05 10.98
C MET H 322 32.44 -5.42 10.93
N MET H 323 33.00 -5.90 12.04
CA MET H 323 34.40 -6.41 12.07
C MET H 323 34.51 -7.27 13.32
N ALA H 324 34.37 -8.60 13.21
CA ALA H 324 34.32 -9.49 14.40
C ALA H 324 35.55 -10.39 14.46
N ALA H 325 36.34 -10.31 15.53
CA ALA H 325 37.49 -11.20 15.75
C ALA H 325 37.40 -11.73 17.18
N ALA H 326 37.10 -13.01 17.41
CA ALA H 326 36.88 -13.60 18.74
C ALA H 326 37.31 -15.07 18.68
N GLN H 327 37.33 -15.82 19.78
CA GLN H 327 37.68 -17.25 19.65
C GLN H 327 36.62 -17.83 18.72
N ALA H 328 35.32 -17.62 18.95
CA ALA H 328 34.26 -18.00 17.99
C ALA H 328 33.69 -16.70 17.47
N ALA H 329 33.35 -16.60 16.19
CA ALA H 329 32.71 -15.38 15.63
C ALA H 329 31.72 -15.77 14.53
N LEU H 330 30.55 -15.12 14.48
CA LEU H 330 29.58 -15.32 13.39
C LEU H 330 29.14 -13.92 12.98
N GLN H 331 28.85 -13.68 11.71
CA GLN H 331 28.33 -12.37 11.24
C GLN H 331 27.19 -12.67 10.28
N SER H 332 26.07 -11.97 10.39
CA SER H 332 24.92 -12.12 9.46
C SER H 332 24.37 -10.74 9.19
N SER H 333 23.89 -10.45 7.98
CA SER H 333 23.22 -9.18 7.68
C SER H 333 22.07 -9.56 6.76
N TRP H 334 20.85 -9.06 6.93
CA TRP H 334 19.79 -9.38 5.95
C TRP H 334 18.79 -8.23 5.81
N GLY H 335 17.90 -8.30 4.82
CA GLY H 335 16.93 -7.22 4.52
C GLY H 335 15.53 -7.53 4.99
N MET H 336 14.57 -7.77 4.09
CA MET H 336 13.15 -7.89 4.50
C MET H 336 12.88 -9.06 5.43
N MET H 337 13.39 -10.27 5.18
CA MET H 337 13.03 -11.44 6.00
C MET H 337 14.25 -12.31 6.20
N GLY H 338 14.27 -13.13 7.25
CA GLY H 338 15.38 -14.06 7.50
C GLY H 338 15.13 -14.86 8.74
N MET H 339 15.80 -15.99 8.91
CA MET H 339 15.70 -16.86 10.13
C MET H 339 17.04 -17.55 10.42
N LEU H 340 17.80 -17.15 11.45
CA LEU H 340 19.16 -17.73 11.71
C LEU H 340 19.25 -18.42 13.08
N ALA H 341 19.47 -19.73 13.13
CA ALA H 341 19.62 -20.47 14.41
C ALA H 341 21.08 -20.87 14.59
N SER H 342 21.87 -20.10 15.34
CA SER H 342 23.31 -20.39 15.55
C SER H 342 23.64 -20.73 17.02
N GLN H 343 23.87 -22.00 17.34
CA GLN H 343 24.27 -22.43 18.69
C GLN H 343 25.78 -22.67 18.64
N GLN H 344 26.58 -21.95 19.43
CA GLN H 344 28.05 -22.12 19.44
C GLN H 344 28.48 -22.50 20.84
N ASN H 345 28.87 -23.75 21.06
CA ASN H 345 29.31 -24.24 22.39
C ASN H 345 30.83 -24.38 22.37
N GLN H 346 31.55 -23.56 23.12
CA GLN H 346 33.03 -23.65 23.22
C GLN H 346 33.38 -24.16 24.61
N SER H 347 33.84 -25.41 24.72
CA SER H 347 34.22 -26.01 26.03
C SER H 347 35.52 -25.37 26.50
N GLY H 348 35.71 -25.17 27.81
CA GLY H 348 36.96 -24.62 28.37
C GLY H 348 37.88 -25.72 28.89
N GLY I 304 21.29 22.63 -8.54
CA GLY I 304 20.86 21.22 -8.62
C GLY I 304 19.75 20.92 -7.63
N SER I 305 18.51 20.70 -8.10
CA SER I 305 17.34 20.40 -7.25
C SER I 305 17.46 19.00 -6.66
N ASN I 306 16.86 18.74 -5.49
CA ASN I 306 16.83 17.39 -4.87
C ASN I 306 15.38 17.12 -4.44
N MET I 307 14.83 15.94 -4.75
CA MET I 307 13.43 15.58 -4.41
C MET I 307 13.41 14.18 -3.80
N GLY I 308 12.46 13.89 -2.93
CA GLY I 308 12.34 12.57 -2.27
C GLY I 308 11.32 11.69 -2.99
N GLY I 309 11.46 10.37 -2.92
CA GLY I 309 10.57 9.42 -3.63
C GLY I 309 9.22 9.32 -2.94
N GLY I 310 8.15 9.04 -3.69
CA GLY I 310 6.79 8.93 -3.14
C GLY I 310 5.98 7.87 -3.85
N MET I 311 5.21 7.06 -3.13
CA MET I 311 4.36 6.00 -3.72
C MET I 311 2.90 6.37 -3.53
N ASN I 312 2.12 6.42 -4.62
CA ASN I 312 0.67 6.77 -4.54
C ASN I 312 -0.18 5.56 -4.92
N PHE I 313 -1.00 5.02 -4.03
CA PHE I 313 -1.92 3.89 -4.35
C PHE I 313 -3.32 4.43 -4.65
N GLY I 314 -3.57 5.72 -4.41
CA GLY I 314 -4.88 6.37 -4.59
C GLY I 314 -5.23 6.68 -6.02
N ALA I 315 -6.51 7.01 -6.28
CA ALA I 315 -7.02 7.26 -7.66
C ALA I 315 -6.97 8.73 -8.04
N PHE I 316 -5.84 9.23 -8.53
CA PHE I 316 -5.71 10.61 -9.05
C PHE I 316 -6.69 10.77 -10.19
N SER I 317 -7.43 11.86 -10.25
CA SER I 317 -8.27 12.19 -11.43
C SER I 317 -7.88 13.62 -11.70
N ILE I 318 -7.19 13.92 -12.79
CA ILE I 318 -6.78 15.31 -13.16
C ILE I 318 -7.62 15.61 -14.39
N ASN I 319 -8.27 16.76 -14.46
CA ASN I 319 -9.04 17.14 -15.66
C ASN I 319 -8.59 18.53 -16.08
N PRO I 320 -7.31 18.77 -16.46
CA PRO I 320 -6.95 20.08 -16.94
C PRO I 320 -7.55 20.20 -18.34
N ALA I 321 -7.76 21.41 -18.85
CA ALA I 321 -8.18 21.65 -20.24
C ALA I 321 -7.42 22.92 -20.60
N MET I 322 -6.76 23.04 -21.74
CA MET I 322 -5.91 24.23 -21.99
C MET I 322 -6.18 24.87 -23.33
N MET I 323 -5.76 26.12 -23.52
CA MET I 323 -5.87 26.81 -24.84
C MET I 323 -4.89 27.99 -24.78
N ALA I 324 -3.68 27.84 -25.32
CA ALA I 324 -2.63 28.88 -25.18
C ALA I 324 -2.31 29.52 -26.53
N ALA I 325 -2.50 30.83 -26.66
CA ALA I 325 -2.12 31.59 -27.88
C ALA I 325 -1.32 32.81 -27.44
N ALA I 326 -0.02 32.89 -27.68
CA ALA I 326 0.86 33.99 -27.22
C ALA I 326 1.98 34.14 -28.24
N GLN I 327 2.86 35.14 -28.14
CA GLN I 327 3.97 35.21 -29.11
C GLN I 327 4.73 33.91 -28.93
N ALA I 328 5.11 33.50 -27.73
CA ALA I 328 5.70 32.17 -27.46
C ALA I 328 4.66 31.41 -26.65
N ALA I 329 4.46 30.12 -26.87
CA ALA I 329 3.53 29.31 -26.06
C ALA I 329 4.05 27.89 -25.92
N LEU I 330 3.94 27.29 -24.73
CA LEU I 330 4.30 25.87 -24.51
C LEU I 330 3.15 25.29 -23.71
N GLN I 331 2.80 24.02 -23.91
CA GLN I 331 1.74 23.34 -23.11
C GLN I 331 2.29 21.97 -22.75
N SER I 332 2.13 21.52 -21.51
CA SER I 332 2.56 20.17 -21.07
C SER I 332 1.49 19.65 -20.13
N SER I 333 1.19 18.36 -20.13
CA SER I 333 0.27 17.75 -19.15
C SER I 333 0.90 16.42 -18.82
N TRP I 334 0.98 15.99 -17.56
CA TRP I 334 1.51 14.63 -17.28
C TRP I 334 0.87 14.03 -16.04
N GLY I 335 1.08 12.73 -15.78
CA GLY I 335 0.46 12.00 -14.66
C GLY I 335 1.40 11.78 -13.51
N MET I 336 1.81 10.53 -13.24
CA MET I 336 2.58 10.23 -12.00
C MET I 336 3.93 10.95 -11.92
N MET I 337 4.74 10.98 -12.97
CA MET I 337 6.10 11.56 -12.87
C MET I 337 6.41 12.31 -14.15
N GLY I 338 7.35 13.26 -14.08
CA GLY I 338 7.77 14.03 -15.27
C GLY I 338 8.85 15.02 -14.91
N MET I 339 9.61 15.50 -15.89
CA MET I 339 10.67 16.54 -15.68
C MET I 339 10.80 17.44 -16.92
N LEU I 340 10.34 18.70 -16.91
CA LEU I 340 10.34 19.57 -18.13
C LEU I 340 11.20 20.83 -17.93
N ALA I 341 12.29 21.00 -18.67
CA ALA I 341 13.14 22.21 -18.59
C ALA I 341 12.94 23.06 -19.84
N SER I 342 12.09 24.08 -19.80
CA SER I 342 11.80 24.95 -20.98
C SER I 342 12.26 26.40 -20.76
N GLN I 343 13.35 26.81 -21.38
CA GLN I 343 13.85 28.20 -21.32
C GLN I 343 13.44 28.86 -22.64
N GLN I 344 12.63 29.92 -22.60
CA GLN I 344 12.19 30.61 -23.83
C GLN I 344 12.62 32.07 -23.76
N ASN I 345 13.63 32.46 -24.53
CA ASN I 345 14.15 33.85 -24.53
C ASN I 345 13.65 34.53 -25.80
N GLN I 346 12.78 35.54 -25.68
CA GLN I 346 12.28 36.30 -26.84
C GLN I 346 12.86 37.71 -26.76
N SER I 347 13.81 38.04 -27.64
CA SER I 347 14.45 39.38 -27.65
C SER I 347 13.44 40.39 -28.19
N GLY I 348 13.45 41.64 -27.70
CA GLY I 348 12.57 42.72 -28.20
C GLY I 348 13.28 43.61 -29.19
N GLY J 304 -31.55 5.32 -6.74
CA GLY J 304 -30.13 5.06 -7.07
C GLY J 304 -29.23 5.39 -5.88
N SER J 305 -28.65 4.39 -5.23
CA SER J 305 -27.74 4.57 -4.06
C SER J 305 -26.40 5.16 -4.52
N ASN J 306 -25.70 5.90 -3.66
CA ASN J 306 -24.34 6.44 -3.96
C ASN J 306 -23.46 6.11 -2.76
N MET J 307 -22.25 5.59 -2.97
CA MET J 307 -21.31 5.21 -1.88
C MET J 307 -19.92 5.74 -2.23
N GLY J 308 -19.09 6.06 -1.21
CA GLY J 308 -17.73 6.58 -1.43
C GLY J 308 -16.70 5.47 -1.31
N GLY J 309 -15.55 5.60 -1.98
CA GLY J 309 -14.51 4.56 -1.99
C GLY J 309 -13.74 4.51 -0.68
N GLY J 310 -13.24 3.34 -0.30
CA GLY J 310 -12.50 3.17 0.96
C GLY J 310 -11.39 2.16 0.83
N MET J 311 -10.21 2.44 1.40
CA MET J 311 -9.05 1.51 1.35
C MET J 311 -8.77 0.98 2.75
N ASN J 312 -8.74 -0.35 2.93
CA ASN J 312 -8.48 -0.96 4.25
C ASN J 312 -7.15 -1.71 4.22
N PHE J 313 -6.15 -1.32 5.01
CA PHE J 313 -4.85 -2.04 5.10
C PHE J 313 -4.85 -2.96 6.32
N GLY J 314 -5.86 -2.88 7.17
CA GLY J 314 -5.97 -3.66 8.42
C GLY J 314 -6.41 -5.10 8.23
N ALA J 315 -6.28 -5.94 9.26
CA ALA J 315 -6.58 -7.38 9.19
C ALA J 315 -8.01 -7.70 9.64
N PHE J 316 -8.99 -7.60 8.74
CA PHE J 316 -10.39 -7.99 9.03
C PHE J 316 -10.39 -9.46 9.38
N SER J 317 -11.09 -9.87 10.42
CA SER J 317 -11.31 -11.30 10.72
C SER J 317 -12.81 -11.36 10.93
N ILE J 318 -13.57 -12.00 10.04
CA ILE J 318 -15.04 -12.12 10.17
C ILE J 318 -15.25 -13.60 10.45
N ASN J 319 -16.05 -13.98 11.42
CA ASN J 319 -16.34 -15.40 11.68
C ASN J 319 -17.85 -15.57 11.76
N PRO J 320 -18.64 -15.29 10.70
CA PRO J 320 -20.05 -15.54 10.78
C PRO J 320 -20.22 -17.05 10.70
N ALA J 321 -21.33 -17.60 11.19
CA ALA J 321 -21.68 -19.04 11.02
C ALA J 321 -23.19 -18.98 10.84
N MET J 322 -23.78 -19.67 9.87
CA MET J 322 -25.24 -19.49 9.63
C MET J 322 -25.99 -20.80 9.54
N MET J 323 -27.32 -20.77 9.68
CA MET J 323 -28.17 -21.97 9.50
C MET J 323 -29.58 -21.46 9.27
N ALA J 324 -30.04 -21.35 8.02
CA ALA J 324 -31.36 -20.73 7.72
C ALA J 324 -32.33 -21.77 7.16
N ALA J 325 -33.47 -21.97 7.84
CA ALA J 325 -34.54 -22.86 7.35
C ALA J 325 -35.85 -22.10 7.45
N ALA J 326 -36.48 -21.70 6.35
CA ALA J 326 -37.71 -20.87 6.34
C ALA J 326 -38.50 -21.24 5.08
N GLN J 327 -39.72 -20.72 4.88
CA GLN J 327 -40.43 -21.04 3.61
C GLN J 327 -39.51 -20.52 2.51
N ALA J 328 -39.04 -19.28 2.56
CA ALA J 328 -38.01 -18.76 1.61
C ALA J 328 -36.76 -18.54 2.44
N ALA J 329 -35.57 -18.84 1.94
CA ALA J 329 -34.31 -18.57 2.67
C ALA J 329 -33.20 -18.18 1.70
N LEU J 330 -32.38 -17.20 2.02
CA LEU J 330 -31.19 -16.82 1.21
C LEU J 330 -30.06 -16.67 2.21
N GLN J 331 -28.83 -17.01 1.84
CA GLN J 331 -27.64 -16.81 2.72
C GLN J 331 -26.55 -16.23 1.83
N SER J 332 -25.83 -15.21 2.29
CA SER J 332 -24.69 -14.63 1.55
C SER J 332 -23.61 -14.31 2.57
N SER J 333 -22.34 -14.44 2.24
CA SER J 333 -21.23 -14.03 3.11
C SER J 333 -20.21 -13.42 2.18
N TRP J 334 -19.59 -12.28 2.46
CA TRP J 334 -18.51 -11.78 1.58
C TRP J 334 -17.47 -11.00 2.36
N GLY J 335 -16.34 -10.67 1.71
CA GLY J 335 -15.21 -9.98 2.36
C GLY J 335 -15.12 -8.51 2.03
N MET J 336 -14.11 -8.07 1.27
CA MET J 336 -13.88 -6.62 1.05
C MET J 336 -15.03 -5.91 0.34
N MET J 337 -15.60 -6.44 -0.73
CA MET J 337 -16.63 -5.70 -1.50
C MET J 337 -17.69 -6.68 -1.97
N GLY J 338 -18.88 -6.18 -2.26
CA GLY J 338 -19.99 -7.02 -2.77
C GLY J 338 -21.22 -6.20 -3.03
N MET J 339 -22.14 -6.69 -3.84
CA MET J 339 -23.44 -6.00 -4.12
C MET J 339 -24.56 -7.03 -4.36
N LEU J 340 -25.51 -7.25 -3.44
CA LEU J 340 -26.56 -8.31 -3.58
C LEU J 340 -27.98 -7.74 -3.62
N ALA J 341 -28.71 -7.87 -4.73
CA ALA J 341 -30.10 -7.39 -4.83
C ALA J 341 -31.06 -8.59 -4.84
N SER J 342 -31.63 -8.97 -3.69
CA SER J 342 -32.54 -10.14 -3.58
C SER J 342 -33.96 -9.73 -3.21
N GLN J 343 -34.90 -9.76 -4.17
CA GLN J 343 -36.33 -9.46 -3.91
C GLN J 343 -37.04 -10.83 -3.87
N GLN J 344 -37.65 -11.18 -2.75
CA GLN J 344 -38.37 -12.48 -2.62
C GLN J 344 -39.83 -12.20 -2.29
N ASN J 345 -40.74 -12.42 -3.25
CA ASN J 345 -42.18 -12.16 -3.04
C ASN J 345 -42.87 -13.52 -2.90
N GLN J 346 -43.40 -13.83 -1.71
CA GLN J 346 -44.15 -15.09 -1.48
C GLN J 346 -45.62 -14.74 -1.30
N SER J 347 -46.47 -15.06 -2.27
CA SER J 347 -47.92 -14.77 -2.20
C SER J 347 -48.55 -15.73 -1.18
N GLY J 348 -49.58 -15.30 -0.43
CA GLY J 348 -50.30 -16.16 0.53
C GLY J 348 -51.58 -16.69 -0.07
N GLY K 304 6.74 -20.76 24.35
CA GLY K 304 6.33 -20.37 22.98
C GLY K 304 5.90 -18.92 22.92
N SER K 305 6.69 -18.04 22.29
CA SER K 305 6.39 -16.60 22.15
C SER K 305 5.24 -16.38 21.17
N ASN K 306 4.46 -15.31 21.32
CA ASN K 306 3.37 -14.95 20.37
C ASN K 306 3.53 -13.47 20.04
N MET K 307 3.47 -13.09 18.76
CA MET K 307 3.64 -11.67 18.31
C MET K 307 2.54 -11.34 17.31
N GLY K 308 2.11 -10.07 17.24
CA GLY K 308 1.05 -9.63 16.31
C GLY K 308 1.65 -9.03 15.05
N GLY K 309 0.93 -9.09 13.92
CA GLY K 309 1.43 -8.60 12.62
C GLY K 309 1.42 -7.08 12.55
N GLY K 310 2.34 -6.48 11.79
CA GLY K 310 2.44 -5.02 11.66
C GLY K 310 2.86 -4.60 10.27
N MET K 311 2.26 -3.56 9.72
CA MET K 311 2.60 -3.05 8.36
C MET K 311 3.24 -1.68 8.50
N ASN K 312 4.45 -1.48 7.95
CA ASN K 312 5.15 -0.18 8.03
C ASN K 312 5.27 0.43 6.63
N PHE K 313 4.67 1.59 6.35
CA PHE K 313 4.80 2.28 5.04
C PHE K 313 5.87 3.38 5.14
N GLY K 314 6.38 3.66 6.33
CA GLY K 314 7.36 4.72 6.59
C GLY K 314 8.78 4.36 6.21
N ALA K 315 9.68 5.35 6.16
CA ALA K 315 11.08 5.17 5.72
C ALA K 315 12.03 4.91 6.89
N PHE K 316 12.16 3.66 7.32
CA PHE K 316 13.14 3.27 8.36
C PHE K 316 14.53 3.60 7.85
N SER K 317 15.37 4.20 8.66
CA SER K 317 16.80 4.39 8.31
C SER K 317 17.51 3.88 9.54
N ILE K 318 18.21 2.74 9.48
CA ILE K 318 18.95 2.17 10.64
C ILE K 318 20.40 2.35 10.25
N ASN K 319 21.25 2.84 11.12
CA ASN K 319 22.70 2.96 10.81
C ASN K 319 23.47 2.32 11.96
N PRO K 320 23.33 1.01 12.25
CA PRO K 320 24.15 0.44 13.29
C PRO K 320 25.56 0.31 12.71
N ALA K 321 26.59 0.24 13.53
CA ALA K 321 27.97 -0.05 13.09
C ALA K 321 28.50 -0.93 14.22
N MET K 322 29.17 -2.04 13.96
CA MET K 322 29.54 -2.94 15.09
C MET K 322 31.00 -3.35 15.05
N MET K 323 31.55 -3.84 16.17
CA MET K 323 32.93 -4.37 16.22
C MET K 323 33.01 -5.26 17.47
N ALA K 324 32.85 -6.57 17.34
CA ALA K 324 32.76 -7.46 18.53
C ALA K 324 33.98 -8.39 18.59
N ALA K 325 34.75 -8.32 19.68
CA ALA K 325 35.88 -9.24 19.92
C ALA K 325 35.77 -9.78 21.33
N ALA K 326 35.43 -11.05 21.55
CA ALA K 326 35.20 -11.64 22.88
C ALA K 326 35.60 -13.12 22.80
N GLN K 327 35.59 -13.87 23.91
CA GLN K 327 35.91 -15.31 23.78
C GLN K 327 34.86 -15.87 22.82
N ALA K 328 33.56 -15.63 23.05
CA ALA K 328 32.50 -16.00 22.07
C ALA K 328 31.96 -14.68 21.54
N ALA K 329 31.64 -14.57 20.26
CA ALA K 329 31.03 -13.34 19.70
C ALA K 329 30.05 -13.69 18.59
N LEU K 330 28.90 -13.03 18.53
CA LEU K 330 27.92 -13.20 17.42
C LEU K 330 27.52 -11.80 17.03
N GLN K 331 27.25 -11.55 15.74
CA GLN K 331 26.77 -10.22 15.27
C GLN K 331 25.64 -10.49 14.30
N SER K 332 24.52 -9.77 14.39
CA SER K 332 23.38 -9.91 13.45
C SER K 332 22.87 -8.51 13.18
N SER K 333 22.40 -8.20 11.98
CA SER K 333 21.76 -6.92 11.66
C SER K 333 20.61 -7.28 10.74
N TRP K 334 19.41 -6.76 10.88
CA TRP K 334 18.35 -7.06 9.89
C TRP K 334 17.37 -5.89 9.75
N GLY K 335 16.49 -5.93 8.74
CA GLY K 335 15.55 -4.84 8.44
C GLY K 335 14.13 -5.12 8.89
N MET K 336 13.19 -5.34 7.98
CA MET K 336 11.76 -5.44 8.37
C MET K 336 11.45 -6.61 9.29
N MET K 337 11.94 -7.81 9.03
CA MET K 337 11.55 -8.99 9.85
C MET K 337 12.76 -9.88 10.04
N GLY K 338 12.74 -10.71 11.09
CA GLY K 338 13.83 -11.65 11.36
C GLY K 338 13.55 -12.47 12.60
N MET K 339 14.21 -13.61 12.77
CA MET K 339 14.07 -14.48 13.97
C MET K 339 15.39 -15.19 14.28
N LEU K 340 16.16 -14.81 15.31
CA LEU K 340 17.50 -15.41 15.60
C LEU K 340 17.55 -16.12 16.96
N ALA K 341 17.75 -17.44 17.01
CA ALA K 341 17.88 -18.19 18.28
C ALA K 341 19.32 -18.62 18.48
N SER K 342 20.12 -17.87 19.25
CA SER K 342 21.55 -18.18 19.49
C SER K 342 21.85 -18.53 20.94
N GLN K 343 22.07 -19.80 21.26
CA GLN K 343 22.43 -20.24 22.62
C GLN K 343 23.93 -20.52 22.58
N GLN K 344 24.73 -19.81 23.38
CA GLN K 344 26.20 -20.01 23.41
C GLN K 344 26.62 -20.40 24.82
N ASN K 345 26.99 -21.67 25.03
CA ASN K 345 27.39 -22.16 26.37
C ASN K 345 28.90 -22.33 26.36
N GLN K 346 29.63 -21.53 27.14
CA GLN K 346 31.11 -21.65 27.25
C GLN K 346 31.43 -22.18 28.64
N SER K 347 31.87 -23.43 28.76
CA SER K 347 32.21 -24.04 30.05
C SER K 347 33.53 -23.43 30.55
N GLY K 348 33.70 -23.25 31.86
CA GLY K 348 34.95 -22.73 32.45
C GLY K 348 35.84 -23.85 32.97
N GLY L 304 20.61 25.01 -4.40
CA GLY L 304 20.16 23.60 -4.48
C GLY L 304 19.02 23.32 -3.51
N SER L 305 17.79 23.12 -4.00
CA SER L 305 16.60 22.83 -3.17
C SER L 305 16.68 21.42 -2.58
N ASN L 306 16.07 21.17 -1.42
CA ASN L 306 16.00 19.82 -0.80
C ASN L 306 14.55 19.58 -0.41
N MET L 307 13.98 18.42 -0.72
CA MET L 307 12.56 18.07 -0.41
C MET L 307 12.52 16.67 0.19
N GLY L 308 11.54 16.39 1.06
CA GLY L 308 11.40 15.07 1.71
C GLY L 308 10.37 14.22 0.97
N GLY L 309 10.49 12.89 1.03
CA GLY L 309 9.59 11.97 0.31
C GLY L 309 8.23 11.88 0.98
N GLY L 310 7.17 11.62 0.21
CA GLY L 310 5.79 11.53 0.74
C GLY L 310 4.98 10.49 0.01
N MET L 311 4.18 9.70 0.72
CA MET L 311 3.32 8.65 0.11
C MET L 311 1.86 9.05 0.28
N ASN L 312 1.10 9.13 -0.81
CA ASN L 312 -0.34 9.50 -0.74
C ASN L 312 -1.20 8.31 -1.15
N PHE L 313 -2.05 7.77 -0.27
CA PHE L 313 -2.99 6.66 -0.61
C PHE L 313 -4.38 7.23 -0.91
N GLY L 314 -4.60 8.51 -0.68
CA GLY L 314 -5.90 9.18 -0.87
C GLY L 314 -6.23 9.52 -2.31
N ALA L 315 -7.49 9.88 -2.59
CA ALA L 315 -7.98 10.14 -3.96
C ALA L 315 -7.91 11.62 -4.33
N PHE L 316 -6.75 12.09 -4.81
CA PHE L 316 -6.60 13.47 -5.31
C PHE L 316 -7.55 13.66 -6.47
N SER L 317 -8.28 14.76 -6.53
CA SER L 317 -9.10 15.12 -7.71
C SER L 317 -8.68 16.54 -7.98
N ILE L 318 -7.97 16.83 -9.07
CA ILE L 318 -7.54 18.20 -9.42
C ILE L 318 -8.35 18.54 -10.64
N ASN L 319 -8.97 19.70 -10.72
CA ASN L 319 -9.72 20.10 -11.94
C ASN L 319 -9.24 21.48 -12.35
N PRO L 320 -7.95 21.70 -12.71
CA PRO L 320 -7.57 23.01 -13.18
C PRO L 320 -8.15 23.15 -14.58
N ALA L 321 -8.33 24.36 -15.07
CA ALA L 321 -8.72 24.62 -16.48
C ALA L 321 -7.94 25.87 -16.81
N MET L 322 -7.26 25.98 -17.95
CA MET L 322 -6.39 27.17 -18.18
C MET L 322 -6.63 27.81 -19.52
N MET L 323 -6.19 29.06 -19.70
CA MET L 323 -6.26 29.76 -21.01
C MET L 323 -5.27 30.91 -20.94
N ALA L 324 -4.05 30.76 -21.46
CA ALA L 324 -2.98 31.78 -21.30
C ALA L 324 -2.64 32.41 -22.64
N ALA L 325 -2.80 33.74 -22.76
CA ALA L 325 -2.39 34.49 -23.97
C ALA L 325 -1.58 35.69 -23.52
N ALA L 326 -0.27 35.74 -23.74
CA ALA L 326 0.62 36.83 -23.26
C ALA L 326 1.75 36.97 -24.28
N GLN L 327 2.65 37.96 -24.15
CA GLN L 327 3.78 38.02 -25.11
C GLN L 327 4.52 36.69 -24.93
N ALA L 328 4.87 36.28 -23.71
CA ALA L 328 5.44 34.92 -23.45
C ALA L 328 4.38 34.18 -22.66
N ALA L 329 4.15 32.90 -22.90
CA ALA L 329 3.19 32.10 -22.10
C ALA L 329 3.69 30.67 -21.95
N LEU L 330 3.56 30.06 -20.78
CA LEU L 330 3.88 28.64 -20.56
C LEU L 330 2.71 28.07 -19.77
N GLN L 331 2.34 26.81 -19.99
CA GLN L 331 1.27 26.15 -19.21
C GLN L 331 1.79 24.77 -18.85
N SER L 332 1.60 24.31 -17.61
CA SER L 332 2.00 22.95 -17.18
C SER L 332 0.91 22.45 -16.26
N SER L 333 0.59 21.17 -16.26
CA SER L 333 -0.36 20.56 -15.30
C SER L 333 0.24 19.22 -14.96
N TRP L 334 0.30 18.77 -13.71
CA TRP L 334 0.80 17.41 -13.43
C TRP L 334 0.12 16.82 -12.20
N GLY L 335 0.32 15.51 -11.95
CA GLY L 335 -0.33 14.79 -10.84
C GLY L 335 0.59 14.54 -9.67
N MET L 336 0.98 13.30 -9.41
CA MET L 336 1.73 12.96 -8.16
C MET L 336 3.08 13.66 -8.07
N MET L 337 3.91 13.69 -9.10
CA MET L 337 5.28 14.24 -8.98
C MET L 337 5.62 14.99 -10.25
N GLY L 338 6.57 15.92 -10.17
CA GLY L 338 7.03 16.68 -11.34
C GLY L 338 8.11 17.65 -10.97
N MET L 339 8.89 18.13 -11.93
CA MET L 339 9.97 19.14 -11.70
C MET L 339 10.13 20.05 -12.93
N LEU L 340 9.69 21.31 -12.93
CA LEU L 340 9.73 22.19 -14.13
C LEU L 340 10.60 23.44 -13.92
N ALA L 341 11.71 23.60 -14.66
CA ALA L 341 12.58 24.79 -14.55
C ALA L 341 12.41 25.65 -15.80
N SER L 342 11.58 26.69 -15.76
CA SER L 342 11.32 27.57 -16.93
C SER L 342 11.79 29.00 -16.71
N GLN L 343 12.91 29.40 -17.32
CA GLN L 343 13.43 30.79 -17.23
C GLN L 343 13.05 31.45 -18.56
N GLN L 344 12.25 32.52 -18.52
CA GLN L 344 11.84 33.24 -19.75
C GLN L 344 12.30 34.68 -19.66
N ASN L 345 13.32 35.06 -20.43
CA ASN L 345 13.86 36.44 -20.41
C ASN L 345 13.41 37.14 -21.68
N GLN L 346 12.54 38.15 -21.56
CA GLN L 346 12.07 38.94 -22.73
C GLN L 346 12.69 40.34 -22.64
N SER L 347 13.65 40.66 -23.50
CA SER L 347 14.31 41.98 -23.50
C SER L 347 13.33 43.01 -24.04
N GLY L 348 13.36 44.26 -23.54
CA GLY L 348 12.50 45.35 -24.04
C GLY L 348 13.24 46.24 -25.03
N GLY M 304 -32.55 8.63 -3.38
CA GLY M 304 -31.13 8.35 -3.67
C GLY M 304 -30.25 8.66 -2.49
N SER M 305 -29.68 7.64 -1.82
CA SER M 305 -28.80 7.81 -0.64
C SER M 305 -27.44 8.37 -1.08
N ASN M 306 -26.73 9.10 -0.21
CA ASN M 306 -25.37 9.60 -0.49
C ASN M 306 -24.50 9.27 0.72
N MET M 307 -23.30 8.71 0.53
CA MET M 307 -22.37 8.31 1.62
C MET M 307 -20.98 8.83 1.30
N GLY M 308 -20.16 9.12 2.31
CA GLY M 308 -18.78 9.61 2.13
C GLY M 308 -17.78 8.48 2.25
N GLY M 309 -16.62 8.59 1.59
CA GLY M 309 -15.59 7.54 1.59
C GLY M 309 -14.84 7.47 2.91
N GLY M 310 -14.37 6.29 3.30
CA GLY M 310 -13.65 6.11 4.57
C GLY M 310 -12.54 5.07 4.44
N MET M 311 -11.37 5.32 5.02
CA MET M 311 -10.23 4.37 4.98
C MET M 311 -9.98 3.83 6.38
N ASN M 312 -9.98 2.50 6.55
CA ASN M 312 -9.74 1.88 7.87
C ASN M 312 -8.42 1.11 7.85
N PHE M 313 -7.43 1.47 8.66
CA PHE M 313 -6.14 0.73 8.76
C PHE M 313 -6.18 -0.20 9.98
N GLY M 314 -7.20 -0.10 10.83
CA GLY M 314 -7.33 -0.89 12.06
C GLY M 314 -7.80 -2.31 11.86
N ALA M 315 -7.69 -3.17 12.88
CA ALA M 315 -8.02 -4.60 12.80
C ALA M 315 -9.46 -4.90 13.23
N PHE M 316 -10.43 -4.76 12.33
CA PHE M 316 -11.83 -5.14 12.60
C PHE M 316 -11.87 -6.62 12.93
N SER M 317 -12.59 -7.02 13.96
CA SER M 317 -12.84 -8.44 14.25
C SER M 317 -14.34 -8.48 14.44
N ILE M 318 -15.10 -9.09 13.54
CA ILE M 318 -16.58 -9.20 13.65
C ILE M 318 -16.82 -10.67 13.91
N ASN M 319 -17.64 -11.04 14.88
CA ASN M 319 -17.96 -12.46 15.13
C ASN M 319 -19.47 -12.59 15.18
N PRO M 320 -20.24 -12.30 14.10
CA PRO M 320 -21.66 -12.53 14.17
C PRO M 320 -21.86 -14.04 14.08
N ALA M 321 -22.98 -14.57 14.56
CA ALA M 321 -23.35 -15.99 14.38
C ALA M 321 -24.85 -15.91 14.17
N MET M 322 -25.45 -16.59 13.21
CA MET M 322 -26.89 -16.37 12.93
C MET M 322 -27.67 -17.68 12.82
N MET M 323 -29.00 -17.62 12.95
CA MET M 323 -29.86 -18.81 12.75
C MET M 323 -31.27 -18.27 12.50
N ALA M 324 -31.71 -18.14 11.25
CA ALA M 324 -33.01 -17.51 10.94
C ALA M 324 -34.00 -18.51 10.37
N ALA M 325 -35.14 -18.71 11.03
CA ALA M 325 -36.23 -19.57 10.52
C ALA M 325 -37.53 -18.79 10.60
N ALA M 326 -38.13 -18.36 9.49
CA ALA M 326 -39.35 -17.52 9.47
C ALA M 326 -40.13 -17.86 8.21
N GLN M 327 -41.34 -17.33 7.99
CA GLN M 327 -42.02 -17.63 6.71
C GLN M 327 -41.08 -17.12 5.62
N ALA M 328 -40.59 -15.88 5.69
CA ALA M 328 -39.55 -15.38 4.76
C ALA M 328 -38.30 -15.18 5.61
N ALA M 329 -37.11 -15.49 5.12
CA ALA M 329 -35.86 -15.26 5.86
C ALA M 329 -34.74 -14.89 4.90
N LEU M 330 -33.89 -13.91 5.25
CA LEU M 330 -32.69 -13.56 4.45
C LEU M 330 -31.57 -13.43 5.47
N GLN M 331 -30.34 -13.79 5.11
CA GLN M 331 -29.17 -13.62 6.00
C GLN M 331 -28.05 -13.06 5.15
N SER M 332 -27.31 -12.04 5.62
CA SER M 332 -26.15 -11.48 4.89
C SER M 332 -25.09 -11.18 5.93
N SER M 333 -23.81 -11.34 5.61
CA SER M 333 -22.71 -10.95 6.51
C SER M 333 -21.66 -10.36 5.58
N TRP M 334 -21.03 -9.23 5.88
CA TRP M 334 -19.93 -8.75 5.01
C TRP M 334 -18.88 -7.98 5.80
N GLY M 335 -17.74 -7.67 5.18
CA GLY M 335 -16.60 -7.01 5.85
C GLY M 335 -16.49 -5.53 5.52
N MET M 336 -15.47 -5.11 4.78
CA MET M 336 -15.20 -3.66 4.58
C MET M 336 -16.33 -2.93 3.86
N MET M 337 -16.89 -3.45 2.77
CA MET M 337 -17.90 -2.69 1.99
C MET M 337 -18.97 -3.64 1.51
N GLY M 338 -20.15 -3.12 1.20
CA GLY M 338 -21.26 -3.94 0.68
C GLY M 338 -22.47 -3.09 0.41
N MET M 339 -23.41 -3.56 -0.42
CA MET M 339 -24.69 -2.86 -0.71
C MET M 339 -25.82 -3.86 -0.98
N LEU M 340 -26.77 -4.07 -0.07
CA LEU M 340 -27.84 -5.11 -0.23
C LEU M 340 -29.25 -4.51 -0.28
N ALA M 341 -29.98 -4.62 -1.39
CA ALA M 341 -31.36 -4.11 -1.51
C ALA M 341 -32.33 -5.30 -1.54
N SER M 342 -32.93 -5.67 -0.40
CA SER M 342 -33.86 -6.82 -0.32
C SER M 342 -35.29 -6.40 0.03
N GLN M 343 -36.21 -6.40 -0.93
CA GLN M 343 -37.63 -6.08 -0.69
C GLN M 343 -38.36 -7.43 -0.66
N GLN M 344 -39.01 -7.79 0.44
CA GLN M 344 -39.75 -9.06 0.55
C GLN M 344 -41.21 -8.76 0.87
N ASN M 345 -42.09 -8.96 -0.10
CA ASN M 345 -43.54 -8.68 0.09
C ASN M 345 -44.26 -10.02 0.22
N GLN M 346 -44.81 -10.33 1.39
CA GLN M 346 -45.58 -11.58 1.60
C GLN M 346 -47.05 -11.21 1.78
N SER M 347 -47.89 -11.50 0.79
CA SER M 347 -49.33 -11.20 0.85
C SER M 347 -49.99 -12.14 1.85
N GLY M 348 -51.02 -11.70 2.58
CA GLY M 348 -51.78 -12.55 3.53
C GLY M 348 -53.07 -13.06 2.92
N GLY N 304 4.86 -18.30 28.05
CA GLY N 304 4.48 -17.90 26.69
C GLY N 304 4.07 -16.43 26.63
N SER N 305 4.89 -15.57 26.01
CA SER N 305 4.61 -14.12 25.89
C SER N 305 3.48 -13.87 24.89
N ASN N 306 2.72 -12.79 25.03
CA ASN N 306 1.64 -12.41 24.07
C ASN N 306 1.85 -10.92 23.75
N MET N 307 1.80 -10.54 22.47
CA MET N 307 2.00 -9.13 22.02
C MET N 307 0.91 -8.76 21.02
N GLY N 308 0.51 -7.50 20.94
CA GLY N 308 -0.52 -7.03 20.01
C GLY N 308 0.10 -6.44 18.76
N GLY N 309 -0.59 -6.48 17.62
CA GLY N 309 -0.07 -5.98 16.33
C GLY N 309 -0.05 -4.46 16.27
N GLY N 310 0.88 -3.87 15.53
CA GLY N 310 1.00 -2.41 15.41
C GLY N 310 1.45 -2.00 14.02
N MET N 311 0.88 -0.94 13.47
CA MET N 311 1.24 -0.43 12.11
C MET N 311 1.91 0.93 12.27
N ASN N 312 3.12 1.10 11.74
CA ASN N 312 3.85 2.39 11.83
C ASN N 312 3.99 3.01 10.43
N PHE N 313 3.42 4.17 10.16
CA PHE N 313 3.58 4.88 8.86
C PHE N 313 4.66 5.95 8.97
N GLY N 314 5.16 6.22 10.18
CA GLY N 314 6.17 7.27 10.45
C GLY N 314 7.59 6.89 10.09
N ALA N 315 8.51 7.86 10.05
CA ALA N 315 9.90 7.66 9.62
C ALA N 315 10.84 7.37 10.80
N PHE N 316 10.93 6.12 11.25
CA PHE N 316 11.89 5.71 12.29
C PHE N 316 13.29 6.01 11.79
N SER N 317 14.14 6.59 12.62
CA SER N 317 15.58 6.76 12.29
C SER N 317 16.25 6.22 13.53
N ILE N 318 16.94 5.08 13.47
CA ILE N 318 17.65 4.49 14.63
C ILE N 318 19.11 4.64 14.26
N ASN N 319 19.96 5.12 15.15
CA ASN N 319 21.41 5.21 14.87
C ASN N 319 22.15 4.56 16.02
N PRO N 320 21.99 3.24 16.29
CA PRO N 320 22.79 2.64 17.34
C PRO N 320 24.20 2.49 16.77
N ALA N 321 25.22 2.40 17.61
CA ALA N 321 26.60 2.09 17.19
C ALA N 321 27.10 1.20 18.32
N MET N 322 27.76 0.08 18.07
CA MET N 322 28.10 -0.84 19.19
C MET N 322 29.55 -1.28 19.17
N MET N 323 30.08 -1.78 20.29
CA MET N 323 31.45 -2.34 20.36
C MET N 323 31.48 -3.23 21.60
N ALA N 324 31.30 -4.54 21.47
CA ALA N 324 31.20 -5.43 22.64
C ALA N 324 32.39 -6.38 22.73
N ALA N 325 33.15 -6.34 23.82
CA ALA N 325 34.26 -7.28 24.06
C ALA N 325 34.12 -7.82 25.48
N ALA N 326 33.76 -9.09 25.68
CA ALA N 326 33.49 -9.68 27.00
C ALA N 326 33.87 -11.16 26.93
N GLN N 327 33.84 -11.93 28.02
CA GLN N 327 34.14 -13.37 27.89
C GLN N 327 33.08 -13.90 26.92
N ALA N 328 31.78 -13.64 27.12
CA ALA N 328 30.73 -13.99 26.14
C ALA N 328 30.22 -12.65 25.61
N ALA N 329 29.92 -12.52 24.32
CA ALA N 329 29.34 -11.29 23.76
C ALA N 329 28.37 -11.62 22.64
N LEU N 330 27.23 -10.94 22.56
CA LEU N 330 26.27 -11.09 21.44
C LEU N 330 25.89 -9.67 21.05
N GLN N 331 25.64 -9.40 19.77
CA GLN N 331 25.20 -8.07 19.30
C GLN N 331 24.06 -8.32 18.32
N SER N 332 22.96 -7.57 18.39
CA SER N 332 21.84 -7.68 17.43
C SER N 332 21.35 -6.27 17.17
N SER N 333 20.91 -5.96 15.95
CA SER N 333 20.28 -4.65 15.64
C SER N 333 19.15 -4.99 14.70
N TRP N 334 17.95 -4.46 14.83
CA TRP N 334 16.90 -4.72 13.82
C TRP N 334 15.94 -3.54 13.68
N GLY N 335 15.08 -3.56 12.66
CA GLY N 335 14.16 -2.45 12.35
C GLY N 335 12.73 -2.72 12.79
N MET N 336 11.80 -2.90 11.86
CA MET N 336 10.36 -2.98 12.23
C MET N 336 10.02 -4.14 13.14
N MET N 337 10.49 -5.36 12.88
CA MET N 337 10.07 -6.54 13.69
C MET N 337 11.26 -7.45 13.90
N GLY N 338 11.22 -8.28 14.93
CA GLY N 338 12.28 -9.25 15.22
C GLY N 338 11.97 -10.06 16.44
N MET N 339 12.61 -11.23 16.61
CA MET N 339 12.43 -12.09 17.80
C MET N 339 13.74 -12.83 18.13
N LEU N 340 14.50 -12.48 19.18
CA LEU N 340 15.83 -13.10 19.48
C LEU N 340 15.85 -13.82 20.83
N ALA N 341 16.03 -15.13 20.88
CA ALA N 341 16.12 -15.88 22.15
C ALA N 341 17.56 -16.35 22.36
N SER N 342 18.35 -15.62 23.15
CA SER N 342 19.79 -15.95 23.39
C SER N 342 20.05 -16.32 24.85
N GLN N 343 20.24 -17.60 25.16
CA GLN N 343 20.58 -18.05 26.53
C GLN N 343 22.08 -18.35 26.51
N GLN N 344 22.88 -17.67 27.32
CA GLN N 344 24.35 -17.89 27.37
C GLN N 344 24.74 -18.30 28.79
N ASN N 345 25.08 -19.57 28.99
CA ASN N 345 25.45 -20.09 30.34
C ASN N 345 26.97 -20.28 30.34
N GLN N 346 27.70 -19.49 31.13
CA GLN N 346 29.17 -19.64 31.26
C GLN N 346 29.47 -20.18 32.65
N SER N 347 29.88 -21.44 32.77
CA SER N 347 30.20 -22.07 34.07
C SER N 347 31.52 -21.48 34.58
N GLY N 348 31.68 -21.31 35.90
CA GLY N 348 32.92 -20.82 36.51
C GLY N 348 33.79 -21.95 37.03
N GLY O 304 19.91 27.37 -0.25
CA GLY O 304 19.43 25.97 -0.34
C GLY O 304 18.28 25.71 0.61
N SER O 305 17.06 25.53 0.10
CA SER O 305 15.85 25.27 0.92
C SER O 305 15.90 23.85 1.51
N ASN O 306 15.27 23.61 2.66
CA ASN O 306 15.18 22.25 3.26
C ASN O 306 13.71 22.04 3.64
N MET O 307 13.12 20.88 3.31
CA MET O 307 11.69 20.56 3.60
C MET O 307 11.61 19.15 4.20
N GLY O 308 10.63 18.89 5.05
CA GLY O 308 10.45 17.56 5.68
C GLY O 308 9.42 16.74 4.93
N GLY O 309 9.51 15.40 4.98
CA GLY O 309 8.60 14.50 4.25
C GLY O 309 7.23 14.44 4.89
N GLY O 310 6.18 14.21 4.11
CA GLY O 310 4.80 14.14 4.63
C GLY O 310 3.98 13.11 3.87
N MET O 311 3.15 12.33 4.57
CA MET O 311 2.28 11.29 3.95
C MET O 311 0.83 11.73 4.10
N ASN O 312 0.07 11.82 3.00
CA ASN O 312 -1.35 12.22 3.05
C ASN O 312 -2.24 11.05 2.62
N PHE O 313 -3.10 10.51 3.49
CA PHE O 313 -4.06 9.42 3.13
C PHE O 313 -5.42 10.02 2.81
N GLY O 314 -5.63 11.32 3.06
CA GLY O 314 -6.92 12.01 2.85
C GLY O 314 -7.22 12.36 1.41
N ALA O 315 -8.48 12.73 1.11
CA ALA O 315 -8.94 13.01 -0.26
C ALA O 315 -8.84 14.49 -0.62
N PHE O 316 -7.67 14.94 -1.08
CA PHE O 316 -7.49 16.33 -1.57
C PHE O 316 -8.42 16.54 -2.75
N SER O 317 -9.12 17.65 -2.81
CA SER O 317 -9.91 18.03 -4.00
C SER O 317 -9.47 19.45 -4.25
N ILE O 318 -8.74 19.73 -5.32
CA ILE O 318 -8.28 21.10 -5.67
C ILE O 318 -9.07 21.45 -6.90
N ASN O 319 -9.67 22.63 -6.98
CA ASN O 319 -10.40 23.05 -8.19
C ASN O 319 -9.89 24.42 -8.59
N PRO O 320 -8.60 24.61 -8.94
CA PRO O 320 -8.18 25.92 -9.40
C PRO O 320 -8.74 26.08 -10.82
N ALA O 321 -8.89 27.30 -11.30
CA ALA O 321 -9.26 27.57 -12.70
C ALA O 321 -8.46 28.81 -13.02
N MET O 322 -7.76 28.93 -14.15
CA MET O 322 -6.86 30.09 -14.36
C MET O 322 -7.06 30.75 -15.71
N MET O 323 -6.61 31.99 -15.88
CA MET O 323 -6.65 32.70 -17.18
C MET O 323 -5.64 33.83 -17.09
N ALA O 324 -4.41 33.65 -17.59
CA ALA O 324 -3.34 34.65 -17.41
C ALA O 324 -2.96 35.30 -18.74
N ALA O 325 -3.10 36.62 -18.86
CA ALA O 325 -2.67 37.37 -20.06
C ALA O 325 -1.84 38.56 -19.58
N ALA O 326 -0.52 38.59 -19.80
CA ALA O 326 0.38 39.66 -19.30
C ALA O 326 1.53 39.79 -20.30
N GLN O 327 2.44 40.75 -20.15
CA GLN O 327 3.59 40.79 -21.09
C GLN O 327 4.29 39.45 -20.92
N ALA O 328 4.63 39.02 -19.70
CA ALA O 328 5.16 37.66 -19.43
C ALA O 328 4.08 36.94 -18.65
N ALA O 329 3.83 35.66 -18.91
CA ALA O 329 2.85 34.87 -18.14
C ALA O 329 3.32 33.43 -17.99
N LEU O 330 3.16 32.82 -16.82
CA LEU O 330 3.46 31.38 -16.60
C LEU O 330 2.27 30.84 -15.84
N GLN O 331 1.88 29.59 -16.06
CA GLN O 331 0.79 28.94 -15.30
C GLN O 331 1.27 27.55 -14.94
N SER O 332 1.07 27.09 -13.70
CA SER O 332 1.43 25.72 -13.28
C SER O 332 0.33 25.23 -12.36
N SER O 333 -0.01 23.96 -12.39
CA SER O 333 -0.99 23.37 -11.44
C SER O 333 -0.42 22.00 -11.10
N TRP O 334 -0.38 21.55 -9.86
CA TRP O 334 0.09 20.18 -9.58
C TRP O 334 -0.61 19.59 -8.36
N GLY O 335 -0.44 18.28 -8.12
CA GLY O 335 -1.12 17.56 -7.02
C GLY O 335 -0.22 17.29 -5.83
N MET O 336 0.15 16.03 -5.57
CA MET O 336 0.88 15.69 -4.32
C MET O 336 2.23 16.35 -4.20
N MET O 337 3.08 16.37 -5.23
CA MET O 337 4.46 16.91 -5.09
C MET O 337 4.83 17.66 -6.35
N GLY O 338 5.80 18.57 -6.25
CA GLY O 338 6.28 19.33 -7.41
C GLY O 338 7.38 20.28 -7.02
N MET O 339 8.18 20.74 -7.97
CA MET O 339 9.26 21.74 -7.72
C MET O 339 9.46 22.65 -8.95
N LEU O 340 9.04 23.91 -8.94
CA LEU O 340 9.11 24.81 -10.14
C LEU O 340 10.01 26.03 -9.91
N ALA O 341 11.12 26.18 -10.62
CA ALA O 341 12.01 27.35 -10.49
C ALA O 341 11.88 28.22 -11.75
N SER O 342 11.06 29.27 -11.71
CA SER O 342 10.84 30.16 -12.88
C SER O 342 11.33 31.59 -12.65
N GLN O 343 12.46 31.97 -13.24
CA GLN O 343 13.00 33.35 -13.13
C GLN O 343 12.66 34.03 -14.45
N GLN O 344 11.87 35.11 -14.44
CA GLN O 344 11.49 35.84 -15.67
C GLN O 344 11.97 37.28 -15.56
N ASN O 345 13.02 37.64 -16.32
CA ASN O 345 13.59 39.02 -16.28
C ASN O 345 13.14 39.73 -17.55
N GLN O 346 12.30 40.75 -17.44
CA GLN O 346 11.86 41.56 -18.61
C GLN O 346 12.50 42.94 -18.50
N SER O 347 13.48 43.25 -19.34
CA SER O 347 14.17 44.56 -19.33
C SER O 347 13.21 45.62 -19.88
N GLY O 348 13.25 46.86 -19.38
CA GLY O 348 12.42 47.97 -19.87
C GLY O 348 13.19 48.85 -20.84
N GLY P 304 -33.54 11.94 0.00
CA GLY P 304 -32.12 11.63 -0.28
C GLY P 304 -31.24 11.92 0.91
N SER P 305 -30.71 10.88 1.58
CA SER P 305 -29.83 11.04 2.77
C SER P 305 -28.46 11.57 2.36
N ASN P 306 -27.75 12.28 3.24
CA ASN P 306 -26.38 12.77 2.98
C ASN P 306 -25.54 12.41 4.20
N MET P 307 -24.34 11.83 4.02
CA MET P 307 -23.44 11.41 5.12
C MET P 307 -22.03 11.90 4.82
N GLY P 308 -21.22 12.17 5.85
CA GLY P 308 -19.83 12.65 5.68
C GLY P 308 -18.85 11.50 5.80
N GLY P 309 -17.67 11.59 5.17
CA GLY P 309 -16.67 10.52 5.17
C GLY P 309 -15.94 10.43 6.50
N GLY P 310 -15.48 9.24 6.89
CA GLY P 310 -14.78 9.03 8.17
C GLY P 310 -13.70 7.99 8.05
N MET P 311 -12.53 8.20 8.65
CA MET P 311 -11.40 7.25 8.62
C MET P 311 -11.19 6.68 10.02
N ASN P 312 -11.21 5.35 10.18
CA ASN P 312 -11.01 4.71 11.50
C ASN P 312 -9.70 3.92 11.50
N PHE P 313 -8.70 4.28 12.32
CA PHE P 313 -7.43 3.51 12.43
C PHE P 313 -7.50 2.57 13.64
N GLY P 314 -8.53 2.68 14.48
CA GLY P 314 -8.70 1.88 15.71
C GLY P 314 -9.19 0.47 15.49
N ALA P 315 -9.10 -0.38 16.51
CA ALA P 315 -9.46 -1.82 16.41
C ALA P 315 -10.91 -2.09 16.82
N PHE P 316 -11.86 -1.94 15.91
CA PHE P 316 -13.28 -2.29 16.15
C PHE P 316 -13.35 -3.76 16.49
N SER P 317 -14.09 -4.16 17.51
CA SER P 317 -14.37 -5.58 17.77
C SER P 317 -15.87 -5.59 17.94
N ILE P 318 -16.62 -6.18 17.03
CA ILE P 318 -18.10 -6.27 17.12
C ILE P 318 -18.37 -7.74 17.37
N ASN P 319 -19.21 -8.09 18.33
CA ASN P 319 -19.56 -9.51 18.57
C ASN P 319 -21.08 -9.62 18.60
N PRO P 320 -21.83 -9.30 17.52
CA PRO P 320 -23.25 -9.51 17.57
C PRO P 320 -23.47 -11.01 17.47
N ALA P 321 -24.61 -11.53 17.92
CA ALA P 321 -25.00 -12.94 17.73
C ALA P 321 -26.50 -12.84 17.50
N MET P 322 -27.10 -13.49 16.52
CA MET P 322 -28.53 -13.25 16.23
C MET P 322 -29.34 -14.54 16.11
N MET P 323 -30.66 -14.46 16.22
CA MET P 323 -31.55 -15.64 16.00
C MET P 323 -32.94 -15.07 15.74
N ALA P 324 -33.36 -14.93 14.48
CA ALA P 324 -34.65 -14.27 14.15
C ALA P 324 -35.64 -15.25 13.56
N ALA P 325 -36.80 -15.42 14.20
CA ALA P 325 -37.89 -16.27 13.68
C ALA P 325 -39.19 -15.46 13.75
N ALA P 326 -39.77 -15.02 12.63
CA ALA P 326 -40.96 -14.15 12.61
C ALA P 326 -41.74 -14.48 11.33
N GLN P 327 -42.92 -13.92 11.09
CA GLN P 327 -43.60 -14.21 9.81
C GLN P 327 -42.64 -13.71 8.74
N ALA P 328 -42.13 -12.47 8.81
CA ALA P 328 -41.06 -11.98 7.90
C ALA P 328 -39.83 -11.82 8.77
N ALA P 329 -38.64 -12.15 8.29
CA ALA P 329 -37.39 -11.94 9.06
C ALA P 329 -36.25 -11.58 8.11
N LEU P 330 -35.39 -10.62 8.48
CA LEU P 330 -34.17 -10.29 7.70
C LEU P 330 -33.06 -10.19 8.73
N GLN P 331 -31.84 -10.57 8.38
CA GLN P 331 -30.67 -10.42 9.29
C GLN P 331 -29.53 -9.87 8.45
N SER P 332 -28.78 -8.88 8.94
CA SER P 332 -27.61 -8.33 8.24
C SER P 332 -26.55 -8.05 9.28
N SER P 333 -25.27 -8.24 8.98
CA SER P 333 -24.17 -7.87 9.90
C SER P 333 -23.10 -7.29 8.99
N TRP P 334 -22.46 -6.17 9.30
CA TRP P 334 -21.34 -5.70 8.45
C TRP P 334 -20.28 -4.97 9.26
N GLY P 335 -19.13 -4.67 8.66
CA GLY P 335 -18.00 -4.03 9.34
C GLY P 335 -17.85 -2.56 9.01
N MET P 336 -16.80 -2.16 8.29
CA MET P 336 -16.52 -0.70 8.11
C MET P 336 -17.62 0.05 7.37
N MET P 337 -18.17 -0.45 6.28
CA MET P 337 -19.16 0.33 5.48
C MET P 337 -20.24 -0.60 4.99
N GLY P 338 -21.41 -0.06 4.67
CA GLY P 338 -22.53 -0.85 4.12
C GLY P 338 -23.72 0.02 3.84
N MET P 339 -24.65 -0.43 3.01
CA MET P 339 -25.92 0.31 2.70
C MET P 339 -27.06 -0.68 2.41
N LEU P 340 -28.04 -0.87 3.31
CA LEU P 340 -29.11 -1.90 3.12
C LEU P 340 -30.51 -1.26 3.06
N ALA P 341 -31.22 -1.37 1.94
CA ALA P 341 -32.60 -0.84 1.80
C ALA P 341 -33.59 -2.00 1.76
N SER P 342 -34.21 -2.36 2.89
CA SER P 342 -35.16 -3.50 2.95
C SER P 342 -36.58 -3.05 3.29
N GLN P 343 -37.48 -3.05 2.31
CA GLN P 343 -38.91 -2.70 2.53
C GLN P 343 -39.67 -4.03 2.54
N GLN P 344 -40.33 -4.37 3.64
CA GLN P 344 -41.09 -5.64 3.73
C GLN P 344 -42.56 -5.33 4.03
N ASN P 345 -43.44 -5.49 3.05
CA ASN P 345 -44.88 -5.19 3.22
C ASN P 345 -45.62 -6.52 3.33
N GLN P 346 -46.19 -6.83 4.50
CA GLN P 346 -46.98 -8.07 4.70
C GLN P 346 -48.45 -7.66 4.85
N SER P 347 -49.28 -7.95 3.85
CA SER P 347 -50.72 -7.60 3.89
C SER P 347 -51.42 -8.54 4.88
N GLY P 348 -52.44 -8.08 5.60
CA GLY P 348 -53.22 -8.93 6.53
C GLY P 348 -54.51 -9.41 5.90
N GLY Q 304 2.98 -15.83 31.76
CA GLY Q 304 2.62 -15.41 30.38
C GLY Q 304 2.25 -13.94 30.32
N SER Q 305 3.08 -13.09 29.72
CA SER Q 305 2.84 -11.63 29.60
C SER Q 305 1.72 -11.36 28.59
N ASN Q 306 0.97 -10.27 28.73
CA ASN Q 306 -0.08 -9.86 27.76
C ASN Q 306 0.15 -8.38 27.45
N MET Q 307 0.13 -7.98 26.17
CA MET Q 307 0.36 -6.57 25.74
C MET Q 307 -0.70 -6.19 24.72
N GLY Q 308 -1.08 -4.91 24.64
CA GLY Q 308 -2.10 -4.42 23.70
C GLY Q 308 -1.44 -3.83 22.46
N GLY Q 309 -2.13 -3.85 21.31
CA GLY Q 309 -1.58 -3.36 20.04
C GLY Q 309 -1.54 -1.84 19.98
N GLY Q 310 -0.59 -1.27 19.25
CA GLY Q 310 -0.43 0.20 19.15
C GLY Q 310 0.04 0.61 17.77
N MET Q 311 -0.51 1.68 17.21
CA MET Q 311 -0.12 2.20 15.87
C MET Q 311 0.57 3.54 16.04
N ASN Q 312 1.80 3.70 15.53
CA ASN Q 312 2.55 4.97 15.63
C ASN Q 312 2.72 5.59 14.24
N PHE Q 313 2.17 6.78 13.97
CA PHE Q 313 2.36 7.48 12.67
C PHE Q 313 3.47 8.53 12.81
N GLY Q 314 3.95 8.79 14.02
CA GLY Q 314 4.97 9.81 14.32
C GLY Q 314 6.38 9.41 13.97
N ALA Q 315 7.31 10.37 13.95
CA ALA Q 315 8.72 10.13 13.54
C ALA Q 315 9.64 9.83 14.73
N PHE Q 316 9.70 8.57 15.16
CA PHE Q 316 10.64 8.13 16.22
C PHE Q 316 12.05 8.42 15.75
N SER Q 317 12.90 8.98 16.58
CA SER Q 317 14.34 9.12 16.27
C SER Q 317 14.99 8.57 17.51
N ILE Q 318 15.65 7.42 17.46
CA ILE Q 318 16.34 6.80 18.62
C ILE Q 318 17.81 6.92 18.27
N ASN Q 319 18.66 7.39 19.18
CA ASN Q 319 20.12 7.46 18.91
C ASN Q 319 20.83 6.78 20.07
N PRO Q 320 20.64 5.47 20.35
CA PRO Q 320 21.41 4.86 21.39
C PRO Q 320 22.83 4.68 20.84
N ALA Q 321 23.83 4.55 21.69
CA ALA Q 321 25.22 4.23 21.29
C ALA Q 321 25.69 3.32 22.41
N MET Q 322 26.33 2.19 22.17
CA MET Q 322 26.64 1.26 23.29
C MET Q 322 28.08 0.81 23.29
N MET Q 323 28.57 0.29 24.41
CA MET Q 323 29.94 -0.30 24.48
C MET Q 323 29.95 -1.20 25.72
N ALA Q 324 29.75 -2.51 25.58
CA ALA Q 324 29.60 -3.41 26.75
C ALA Q 324 30.77 -4.37 26.84
N ALA Q 325 31.53 -4.35 27.95
CA ALA Q 325 32.63 -5.31 28.20
C ALA Q 325 32.44 -5.86 29.61
N ALA Q 326 32.07 -7.12 29.79
CA ALA Q 326 31.77 -7.72 31.11
C ALA Q 326 32.12 -9.20 31.04
N GLN Q 327 32.06 -9.97 32.12
CA GLN Q 327 32.34 -11.42 31.99
C GLN Q 327 31.28 -11.93 31.00
N ALA Q 328 29.99 -11.65 31.19
CA ALA Q 328 28.94 -11.96 30.19
C ALA Q 328 28.47 -10.62 29.67
N ALA Q 329 28.18 -10.48 28.38
CA ALA Q 329 27.64 -9.23 27.82
C ALA Q 329 26.67 -9.54 26.67
N LEU Q 330 25.54 -8.83 26.59
CA LEU Q 330 24.59 -8.96 25.46
C LEU Q 330 24.26 -7.53 25.06
N GLN Q 331 24.02 -7.26 23.78
CA GLN Q 331 23.61 -5.92 23.32
C GLN Q 331 22.48 -6.14 22.31
N SER Q 332 21.40 -5.37 22.39
CA SER Q 332 20.28 -5.45 21.41
C SER Q 332 19.81 -4.03 21.14
N SER Q 333 19.40 -3.71 19.93
CA SER Q 333 18.81 -2.39 19.61
C SER Q 333 17.68 -2.70 18.65
N TRP Q 334 16.48 -2.14 18.78
CA TRP Q 334 15.43 -2.39 17.76
C TRP Q 334 14.51 -1.19 17.60
N GLY Q 335 13.65 -1.19 16.58
CA GLY Q 335 12.75 -0.06 16.26
C GLY Q 335 11.32 -0.30 16.68
N MET Q 336 10.40 -0.46 15.73
CA MET Q 336 8.95 -0.52 16.09
C MET Q 336 8.58 -1.69 16.99
N MET Q 337 9.04 -2.91 16.73
CA MET Q 337 8.58 -4.08 17.52
C MET Q 337 9.75 -5.02 17.74
N GLY Q 338 9.68 -5.85 18.77
CA GLY Q 338 10.73 -6.84 19.06
C GLY Q 338 10.39 -7.66 20.28
N MET Q 339 11.00 -8.82 20.45
CA MET Q 339 10.79 -9.70 21.64
C MET Q 339 12.08 -10.47 21.97
N LEU Q 340 12.84 -10.13 23.04
CA LEU Q 340 14.14 -10.77 23.34
C LEU Q 340 14.14 -11.49 24.70
N ALA Q 341 14.29 -12.82 24.74
CA ALA Q 341 14.35 -13.59 26.00
C ALA Q 341 15.77 -14.07 26.23
N SER Q 342 16.58 -13.36 27.03
CA SER Q 342 18.00 -13.73 27.30
C SER Q 342 18.24 -14.09 28.76
N GLN Q 343 18.40 -15.38 29.05
CA GLN Q 343 18.72 -15.86 30.43
C GLN Q 343 20.21 -16.18 30.43
N GLN Q 344 21.02 -15.51 31.25
CA GLN Q 344 22.47 -15.76 31.31
C GLN Q 344 22.85 -16.18 32.73
N ASN Q 345 23.16 -17.46 32.94
CA ASN Q 345 23.51 -17.99 34.28
C ASN Q 345 25.01 -18.22 34.31
N GLN Q 346 25.75 -17.45 35.11
CA GLN Q 346 27.22 -17.62 35.26
C GLN Q 346 27.49 -18.17 36.66
N SER Q 347 27.88 -19.44 36.77
CA SER Q 347 28.17 -20.08 38.07
C SER Q 347 29.49 -19.52 38.61
N GLY Q 348 29.63 -19.35 39.92
CA GLY Q 348 30.88 -18.88 40.54
C GLY Q 348 31.72 -20.04 41.08
N GLY R 304 19.19 29.73 3.91
CA GLY R 304 18.71 28.34 3.80
C GLY R 304 17.53 28.09 4.73
N SER R 305 16.32 27.93 4.21
CA SER R 305 15.09 27.69 5.01
C SER R 305 15.11 26.27 5.59
N ASN R 306 14.46 26.03 6.73
CA ASN R 306 14.33 24.68 7.32
C ASN R 306 12.85 24.48 7.68
N MET R 307 12.25 23.34 7.34
CA MET R 307 10.82 23.04 7.61
C MET R 307 10.71 21.63 8.20
N GLY R 308 9.70 21.38 9.03
CA GLY R 308 9.49 20.05 9.66
C GLY R 308 8.46 19.25 8.89
N GLY R 309 8.52 17.92 8.93
CA GLY R 309 7.61 17.04 8.18
C GLY R 309 6.23 16.99 8.81
N GLY R 310 5.19 16.78 8.01
CA GLY R 310 3.79 16.74 8.51
C GLY R 310 2.96 15.73 7.75
N MET R 311 2.12 14.96 8.42
CA MET R 311 1.23 13.94 7.79
C MET R 311 -0.21 14.40 7.92
N ASN R 312 -0.95 14.52 6.81
CA ASN R 312 -2.36 14.93 6.85
C ASN R 312 -3.26 13.78 6.40
N PHE R 313 -4.15 13.27 7.26
CA PHE R 313 -5.12 12.19 6.87
C PHE R 313 -6.48 12.81 6.54
N GLY R 314 -6.66 14.11 6.79
CA GLY R 314 -7.94 14.82 6.58
C GLY R 314 -8.22 15.19 5.13
N ALA R 315 -9.46 15.59 4.83
CA ALA R 315 -9.90 15.88 3.44
C ALA R 315 -9.76 17.37 3.09
N PHE R 316 -8.58 17.80 2.65
CA PHE R 316 -8.36 19.18 2.16
C PHE R 316 -9.28 19.42 0.98
N SER R 317 -9.96 20.54 0.92
CA SER R 317 -10.74 20.93 -0.29
C SER R 317 -10.25 22.35 -0.52
N ILE R 318 -9.51 22.62 -1.58
CA ILE R 318 -9.02 23.98 -1.91
C ILE R 318 -9.79 24.36 -3.16
N ASN R 319 -10.36 25.55 -3.23
CA ASN R 319 -11.08 25.99 -4.45
C ASN R 319 -10.54 27.35 -4.84
N PRO R 320 -9.24 27.53 -5.16
CA PRO R 320 -8.79 28.83 -5.60
C PRO R 320 -9.32 29.00 -7.02
N ALA R 321 -9.44 30.23 -7.51
CA ALA R 321 -9.80 30.52 -8.92
C ALA R 321 -8.96 31.74 -9.22
N MET R 322 -8.26 31.85 -10.34
CA MET R 322 -7.34 32.99 -10.53
C MET R 322 -7.51 33.67 -11.87
N MET R 323 -7.02 34.90 -12.02
CA MET R 323 -7.04 35.62 -13.33
C MET R 323 -6.00 36.73 -13.22
N ALA R 324 -4.78 36.53 -13.71
CA ALA R 324 -3.69 37.52 -13.52
C ALA R 324 -3.28 38.16 -14.83
N ALA R 325 -3.39 39.49 -14.95
CA ALA R 325 -2.93 40.23 -16.14
C ALA R 325 -2.10 41.41 -15.65
N ALA R 326 -0.77 41.41 -15.84
CA ALA R 326 0.14 42.45 -15.32
C ALA R 326 1.31 42.58 -16.30
N GLN R 327 2.24 43.52 -16.14
CA GLN R 327 3.39 43.55 -17.07
C GLN R 327 4.08 42.19 -16.89
N ALA R 328 4.38 41.76 -15.67
CA ALA R 328 4.90 40.39 -15.41
C ALA R 328 3.78 39.68 -14.65
N ALA R 329 3.53 38.40 -14.90
CA ALA R 329 2.52 37.63 -14.15
C ALA R 329 2.96 36.18 -14.01
N LEU R 330 2.77 35.57 -12.84
CA LEU R 330 3.04 34.11 -12.63
C LEU R 330 1.84 33.60 -11.88
N GLN R 331 1.43 32.35 -12.12
CA GLN R 331 0.31 31.72 -11.38
C GLN R 331 0.76 30.31 -11.02
N SER R 332 0.54 29.86 -9.79
CA SER R 332 0.87 28.47 -9.36
C SER R 332 -0.26 28.00 -8.47
N SER R 333 -0.62 26.73 -8.51
CA SER R 333 -1.62 26.15 -7.57
C SER R 333 -1.07 24.78 -7.24
N TRP R 334 -1.06 24.33 -5.99
CA TRP R 334 -0.63 22.94 -5.71
C TRP R 334 -1.34 22.36 -4.51
N GLY R 335 -1.20 21.05 -4.27
CA GLY R 335 -1.91 20.33 -3.18
C GLY R 335 -1.03 20.03 -2.00
N MET R 336 -0.68 18.77 -1.74
CA MET R 336 0.02 18.41 -0.47
C MET R 336 1.39 19.05 -0.34
N MET R 337 2.24 19.05 -1.36
CA MET R 337 3.63 19.55 -1.19
C MET R 337 4.03 20.32 -2.44
N GLY R 338 5.01 21.21 -2.33
CA GLY R 338 5.53 21.96 -3.48
C GLY R 338 6.64 22.90 -3.06
N MET R 339 7.45 23.35 -4.00
CA MET R 339 8.56 24.33 -3.73
C MET R 339 8.78 25.23 -4.95
N LEU R 340 8.38 26.52 -4.94
CA LEU R 340 8.49 27.40 -6.13
C LEU R 340 9.40 28.61 -5.88
N ALA R 341 10.53 28.75 -6.59
CA ALA R 341 11.44 29.90 -6.44
C ALA R 341 11.33 30.78 -7.68
N SER R 342 10.54 31.85 -7.66
CA SER R 342 10.34 32.75 -8.83
C SER R 342 10.86 34.16 -8.57
N GLN R 343 12.00 34.52 -9.15
CA GLN R 343 12.57 35.89 -9.03
C GLN R 343 12.25 36.59 -10.35
N GLN R 344 11.49 37.69 -10.33
CA GLN R 344 11.14 38.43 -11.57
C GLN R 344 11.65 39.86 -11.45
N ASN R 345 12.70 40.21 -12.18
CA ASN R 345 13.29 41.56 -12.13
C ASN R 345 12.89 42.30 -13.41
N GLN R 346 12.06 43.34 -13.30
CA GLN R 346 11.65 44.15 -14.47
C GLN R 346 12.30 45.53 -14.34
N SER R 347 13.30 45.82 -15.18
CA SER R 347 14.02 47.12 -15.14
C SER R 347 13.08 48.20 -15.70
N GLY R 348 13.14 49.44 -15.18
CA GLY R 348 12.33 50.56 -15.70
C GLY R 348 13.13 51.43 -16.65
#